data_7MLM
#
_entry.id   7MLM
#
_cell.length_a   145.094
_cell.length_b   164.293
_cell.length_c   89.296
_cell.angle_alpha   90.000
_cell.angle_beta   90.000
_cell.angle_gamma   90.000
#
_symmetry.space_group_name_H-M   'C 2 2 21'
#
loop_
_entity.id
_entity.type
_entity.pdbx_description
1 polymer 'Toll-like receptor 4,Variable lymphocyte receptor B'
2 polymer 'Lymphocyte antigen 96'
3 branched 2-acetamido-2-deoxy-beta-D-glucopyranose-(1-4)-2-acetamido-2-deoxy-beta-D-glucopyranose
4 branched 2-acetamido-2-deoxy-beta-D-glucopyranose-(1-4)-2-acetamido-2-deoxy-beta-D-glucopyranose-(1-4)-2-acetamido-2-deoxy-beta-D-glucopyranose
5 non-polymer 2-acetamido-2-deoxy-beta-D-glucopyranose
6 non-polymer N-[(1S,2R,3E)-2-hydroxy-1-{[(3-O-sulfo-beta-D-galactopyranosyl)oxy]methyl}heptadec-3-en-1-yl]-hexadecanamide
7 water water
#
loop_
_entity_poly.entity_id
_entity_poly.type
_entity_poly.pdbx_seq_one_letter_code
_entity_poly.pdbx_strand_id
1 'polypeptide(L)'
;MLLVNQSHQGFNKEHTSKMVSAIVLYVLLAAAAHSAFAADPNPCIEVVPNITYQCMDQKLSKVPDDIPSSTKNIDLSFNP
LKILKSYSFSNFSELQWLDLSRCEIETIEDKAWHGLHHLSNLILTGNPIQSFSPGSFSGLTSLENLVAVETKLASLESFP
IGQLITLKKLNVAHNFIHSCKLPAYFSNLTNLVHVDLSYNYIQTITVNDLQFLRENPQVNLSLDMSLNPIDFIQDQAFQG
IKLHELTLRGNFNSSNIMKTCLQNLAGLHVHRLILGEFKDERNLEIFEPSIMEGLCDVTIDEFRLTYTNDFSDDIVKFHC
LANVSAMSLAGVSIKYLEDVPKHFKWQSLSIIRCQLKQFPTLDLPFLKSLTLTMNKGSISFKKVALPSLSYLDLSRNALS
FSGCCSYSDLGTNSLRHLDLSFNGAIIMSANFMGLEELQHLDFQHSTLKRVTEFSAFLSLEKLLYLDISYTNTKIDFDGI
FLGLTSLNTLKMAGNSFKDNTLSNVFANTTNLTFLDLSKCQLEQISWGVFDTLHRLQLLNMSHNNLLFLDSSHYNQLYSL
KELALDTNQLKSVPDGIFDRLTSLQKIWLHTNPWDCSCPRIDYLSRWLNKNSQKEQGSAKCSGSGKPVRSIICPT
;
A
2 'polypeptide(L)'
;MLLVNQSHQGFNKEHTSKMVSAIVLYVLLAAAAHSAFAADPEKQQWFCNSSDAIISYSYCDHLKFPISISSEPCIRLRGT
NGFVHVEFIPRGNLKYLYFNLFISVNSIELPKRKEVLCHGHDDDYSFCRALKGETVNTSIPFSFEGILFPKGHYRCVAEA
IAGDTEEKLFCLNFTIIHRRDVNLVPRG
;
C
#
loop_
_chem_comp.id
_chem_comp.type
_chem_comp.name
_chem_comp.formula
NAG D-saccharide, beta linking 2-acetamido-2-deoxy-beta-D-glucopyranose 'C8 H15 N O6'
ZKM non-polymer N-[(1S,2R,3E)-2-hydroxy-1-{[(3-O-sulfo-beta-D-galactopyranosyl)oxy]methyl}heptadec-3-en-1-yl]-hexadecanamide 'C40 H77 N O11 S'
#
# COMPACT_ATOMS: atom_id res chain seq x y z
N PRO A 43 -33.41 0.31 4.68
CA PRO A 43 -32.46 0.44 5.79
C PRO A 43 -31.01 0.33 5.32
N CYS A 44 -30.82 -0.09 4.08
CA CYS A 44 -29.50 -0.28 3.49
C CYS A 44 -29.04 1.01 2.81
N ILE A 45 -27.82 1.43 3.12
CA ILE A 45 -27.23 2.58 2.43
C ILE A 45 -27.02 2.23 0.97
N GLU A 46 -27.69 2.96 0.09
CA GLU A 46 -27.48 2.80 -1.35
C GLU A 46 -26.15 3.44 -1.72
N VAL A 47 -25.21 2.63 -2.21
CA VAL A 47 -23.86 3.09 -2.54
C VAL A 47 -23.69 3.34 -4.03
N VAL A 48 -23.99 2.33 -4.85
CA VAL A 48 -24.07 2.48 -6.29
C VAL A 48 -25.46 1.98 -6.69
N PRO A 49 -26.32 2.83 -7.25
CA PRO A 49 -27.74 2.46 -7.40
C PRO A 49 -27.95 1.14 -8.14
N ASN A 50 -28.78 0.27 -7.54
CA ASN A 50 -29.14 -1.03 -8.12
C ASN A 50 -27.93 -1.93 -8.33
N ILE A 51 -26.79 -1.60 -7.73
CA ILE A 51 -25.58 -2.38 -7.94
C ILE A 51 -24.93 -2.75 -6.61
N THR A 52 -24.66 -1.76 -5.76
CA THR A 52 -23.92 -1.98 -4.53
C THR A 52 -24.71 -1.43 -3.35
N TYR A 53 -24.92 -2.26 -2.33
CA TYR A 53 -25.69 -1.87 -1.16
C TYR A 53 -24.92 -2.21 0.11
N GLN A 54 -24.92 -1.27 1.04
CA GLN A 54 -24.18 -1.36 2.30
C GLN A 54 -25.20 -1.48 3.44
N CYS A 55 -25.48 -2.70 3.86
CA CYS A 55 -26.46 -2.96 4.91
C CYS A 55 -25.81 -3.28 6.26
N MET A 56 -24.52 -2.96 6.42
CA MET A 56 -23.80 -3.32 7.64
C MET A 56 -24.42 -2.68 8.87
N ASP A 57 -24.51 -3.47 9.94
CA ASP A 57 -24.85 -2.99 11.28
C ASP A 57 -26.14 -2.18 11.27
N GLN A 58 -27.21 -2.83 10.80
CA GLN A 58 -28.53 -2.22 10.75
C GLN A 58 -29.54 -3.01 11.58
N LYS A 59 -29.07 -3.87 12.48
CA LYS A 59 -29.92 -4.70 13.32
C LYS A 59 -30.87 -5.56 12.50
N LEU A 60 -30.45 -5.94 11.29
CA LEU A 60 -31.30 -6.77 10.44
C LEU A 60 -31.36 -8.19 10.99
N SER A 61 -32.57 -8.75 11.02
CA SER A 61 -32.76 -10.15 11.37
C SER A 61 -32.68 -11.07 10.15
N LYS A 62 -32.94 -10.55 8.96
CA LYS A 62 -32.94 -11.33 7.72
C LYS A 62 -32.52 -10.43 6.57
N VAL A 63 -32.25 -11.03 5.43
CA VAL A 63 -31.87 -10.22 4.26
C VAL A 63 -33.09 -9.44 3.78
N PRO A 64 -32.95 -8.13 3.52
CA PRO A 64 -34.11 -7.34 3.11
C PRO A 64 -34.56 -7.69 1.71
N ASP A 65 -35.87 -7.85 1.54
CA ASP A 65 -36.45 -8.07 0.22
C ASP A 65 -36.52 -6.80 -0.61
N ASP A 66 -36.21 -5.64 -0.02
CA ASP A 66 -36.18 -4.39 -0.77
C ASP A 66 -34.98 -4.27 -1.69
N ILE A 67 -33.96 -5.11 -1.51
CA ILE A 67 -32.73 -5.01 -2.29
C ILE A 67 -33.04 -5.32 -3.75
N PRO A 68 -32.67 -4.46 -4.69
CA PRO A 68 -33.01 -4.71 -6.10
C PRO A 68 -32.30 -5.93 -6.66
N SER A 69 -32.97 -6.58 -7.62
CA SER A 69 -32.56 -7.88 -8.14
C SER A 69 -31.29 -7.83 -8.98
N SER A 70 -30.85 -6.66 -9.42
CA SER A 70 -29.63 -6.54 -10.20
C SER A 70 -28.39 -6.31 -9.36
N THR A 71 -28.53 -6.32 -8.03
CA THR A 71 -27.41 -5.99 -7.15
C THR A 71 -26.27 -6.99 -7.32
N LYS A 72 -25.04 -6.46 -7.39
CA LYS A 72 -23.84 -7.27 -7.52
C LYS A 72 -23.06 -7.41 -6.23
N ASN A 73 -23.19 -6.48 -5.29
CA ASN A 73 -22.41 -6.48 -4.06
C ASN A 73 -23.33 -6.13 -2.90
N ILE A 74 -23.41 -7.02 -1.92
CA ILE A 74 -24.21 -6.81 -0.72
C ILE A 74 -23.31 -7.01 0.50
N ASP A 75 -23.28 -6.03 1.40
CA ASP A 75 -22.58 -6.14 2.66
C ASP A 75 -23.64 -6.23 3.77
N LEU A 76 -23.80 -7.43 4.33
CA LEU A 76 -24.77 -7.67 5.39
C LEU A 76 -24.10 -7.87 6.75
N SER A 77 -22.84 -7.47 6.88
CA SER A 77 -22.07 -7.80 8.06
C SER A 77 -22.59 -7.07 9.30
N PHE A 78 -22.29 -7.65 10.46
CA PHE A 78 -22.62 -7.07 11.76
C PHE A 78 -24.12 -6.91 11.96
N ASN A 79 -24.90 -7.83 11.40
CA ASN A 79 -26.33 -7.96 11.63
C ASN A 79 -26.63 -9.30 12.30
N PRO A 80 -27.57 -9.34 13.25
CA PRO A 80 -27.88 -10.61 13.96
C PRO A 80 -28.75 -11.54 13.13
N LEU A 81 -28.16 -12.11 12.09
CA LEU A 81 -28.91 -12.95 11.16
C LEU A 81 -29.24 -14.30 11.80
N LYS A 82 -28.26 -14.92 12.48
CA LYS A 82 -28.43 -16.14 13.27
C LYS A 82 -28.64 -17.39 12.42
N ILE A 83 -29.37 -17.27 11.32
CA ILE A 83 -29.63 -18.42 10.46
C ILE A 83 -29.85 -17.93 9.04
N LEU A 84 -29.22 -18.61 8.09
CA LEU A 84 -29.40 -18.34 6.67
C LEU A 84 -30.53 -19.23 6.15
N LYS A 85 -31.70 -18.64 5.97
CA LYS A 85 -32.88 -19.39 5.56
C LYS A 85 -32.84 -19.70 4.07
N SER A 86 -33.44 -20.84 3.70
CA SER A 86 -33.50 -21.25 2.31
C SER A 86 -34.14 -20.17 1.44
N TYR A 87 -33.61 -20.02 0.23
CA TYR A 87 -34.12 -19.14 -0.81
C TYR A 87 -34.03 -17.66 -0.48
N SER A 88 -33.26 -17.28 0.56
CA SER A 88 -33.21 -15.88 0.96
C SER A 88 -32.56 -15.01 -0.09
N PHE A 89 -31.64 -15.56 -0.88
CA PHE A 89 -30.90 -14.80 -1.88
C PHE A 89 -31.26 -15.19 -3.31
N SER A 90 -32.37 -15.91 -3.51
CA SER A 90 -32.70 -16.48 -4.81
C SER A 90 -33.08 -15.45 -5.85
N ASN A 91 -33.41 -14.22 -5.44
CA ASN A 91 -33.71 -13.16 -6.40
C ASN A 91 -32.45 -12.46 -6.92
N PHE A 92 -31.32 -12.61 -6.24
CA PHE A 92 -30.09 -11.91 -6.61
C PHE A 92 -29.28 -12.77 -7.58
N SER A 93 -29.77 -12.81 -8.82
CA SER A 93 -29.15 -13.64 -9.84
C SER A 93 -27.82 -13.07 -10.34
N GLU A 94 -27.58 -11.78 -10.16
CA GLU A 94 -26.35 -11.16 -10.61
C GLU A 94 -25.37 -10.90 -9.47
N LEU A 95 -25.65 -11.43 -8.28
CA LEU A 95 -24.82 -11.18 -7.11
C LEU A 95 -23.47 -11.86 -7.25
N GLN A 96 -22.40 -11.10 -7.03
CA GLN A 96 -21.03 -11.60 -7.14
C GLN A 96 -20.26 -11.60 -5.84
N TRP A 97 -20.58 -10.69 -4.91
CA TRP A 97 -19.81 -10.51 -3.69
C TRP A 97 -20.80 -10.34 -2.55
N LEU A 98 -20.71 -11.24 -1.56
CA LEU A 98 -21.66 -11.26 -0.45
C LEU A 98 -20.90 -11.39 0.86
N ASP A 99 -21.03 -10.39 1.73
CA ASP A 99 -20.29 -10.31 2.98
C ASP A 99 -21.26 -10.53 4.13
N LEU A 100 -21.08 -11.64 4.85
CA LEU A 100 -21.89 -11.97 6.01
C LEU A 100 -21.04 -12.06 7.27
N SER A 101 -19.96 -11.28 7.32
CA SER A 101 -19.06 -11.30 8.47
C SER A 101 -19.81 -10.90 9.73
N ARG A 102 -19.50 -11.57 10.83
CA ARG A 102 -20.05 -11.24 12.15
C ARG A 102 -21.57 -11.17 12.13
N CYS A 103 -22.20 -12.22 11.61
CA CYS A 103 -23.65 -12.25 11.53
C CYS A 103 -24.27 -13.26 12.48
N GLU A 104 -23.51 -13.78 13.44
CA GLU A 104 -23.99 -14.71 14.46
C GLU A 104 -24.64 -15.95 13.85
N ILE A 105 -24.27 -16.29 12.62
CA ILE A 105 -24.92 -17.41 11.93
C ILE A 105 -24.47 -18.71 12.56
N GLU A 106 -25.45 -19.51 13.00
CA GLU A 106 -25.19 -20.87 13.46
C GLU A 106 -25.64 -21.93 12.48
N THR A 107 -26.57 -21.60 11.59
CA THR A 107 -27.20 -22.61 10.74
C THR A 107 -27.27 -22.10 9.31
N ILE A 108 -26.76 -22.89 8.38
CA ILE A 108 -26.96 -22.67 6.96
C ILE A 108 -27.98 -23.70 6.50
N GLU A 109 -29.18 -23.24 6.15
CA GLU A 109 -30.23 -24.16 5.73
C GLU A 109 -29.86 -24.79 4.39
N ASP A 110 -30.51 -25.91 4.09
CA ASP A 110 -30.03 -26.80 3.04
C ASP A 110 -30.13 -26.19 1.65
N LYS A 111 -30.87 -25.10 1.48
CA LYS A 111 -30.94 -24.36 0.22
C LYS A 111 -30.74 -22.87 0.48
N ALA A 112 -29.83 -22.52 1.38
CA ALA A 112 -29.66 -21.12 1.76
C ALA A 112 -29.15 -20.29 0.60
N TRP A 113 -28.38 -20.89 -0.30
CA TRP A 113 -27.75 -20.18 -1.41
C TRP A 113 -28.36 -20.54 -2.76
N HIS A 114 -29.61 -20.99 -2.77
CA HIS A 114 -30.32 -21.22 -4.02
C HIS A 114 -30.41 -19.94 -4.83
N GLY A 115 -30.06 -20.02 -6.11
CA GLY A 115 -30.15 -18.88 -7.01
C GLY A 115 -28.89 -18.07 -7.17
N LEU A 116 -27.82 -18.38 -6.43
CA LEU A 116 -26.58 -17.62 -6.50
C LEU A 116 -25.60 -18.22 -7.50
N HIS A 117 -26.03 -18.40 -8.74
CA HIS A 117 -25.18 -19.07 -9.72
C HIS A 117 -23.93 -18.25 -10.05
N HIS A 118 -23.97 -16.93 -9.84
CA HIS A 118 -22.88 -16.05 -10.22
C HIS A 118 -22.05 -15.56 -9.04
N LEU A 119 -22.32 -16.03 -7.83
CA LEU A 119 -21.57 -15.56 -6.67
C LEU A 119 -20.14 -16.07 -6.75
N SER A 120 -19.18 -15.15 -6.75
CA SER A 120 -17.77 -15.50 -6.79
C SER A 120 -17.05 -15.32 -5.45
N ASN A 121 -17.56 -14.45 -4.59
CA ASN A 121 -16.95 -14.17 -3.29
C ASN A 121 -17.98 -14.33 -2.19
N LEU A 122 -17.67 -15.18 -1.20
CA LEU A 122 -18.52 -15.41 -0.04
C LEU A 122 -17.67 -15.31 1.21
N ILE A 123 -18.06 -14.42 2.13
CA ILE A 123 -17.29 -14.12 3.32
C ILE A 123 -18.14 -14.45 4.53
N LEU A 124 -17.73 -15.46 5.31
CA LEU A 124 -18.45 -15.91 6.48
C LEU A 124 -17.68 -15.68 7.78
N THR A 125 -16.74 -14.73 7.80
CA THR A 125 -15.87 -14.55 8.94
C THR A 125 -16.64 -14.33 10.23
N GLY A 126 -16.21 -15.01 11.29
CA GLY A 126 -16.72 -14.76 12.62
C GLY A 126 -18.03 -15.41 12.98
N ASN A 127 -18.64 -16.17 12.07
CA ASN A 127 -19.91 -16.82 12.35
C ASN A 127 -19.69 -18.18 12.98
N PRO A 128 -20.26 -18.47 14.16
CA PRO A 128 -20.01 -19.75 14.83
C PRO A 128 -20.80 -20.90 14.21
N ILE A 129 -20.50 -21.20 12.94
CA ILE A 129 -21.17 -22.28 12.25
C ILE A 129 -20.71 -23.63 12.78
N GLN A 130 -19.40 -23.78 12.99
CA GLN A 130 -18.84 -24.98 13.61
C GLN A 130 -19.08 -26.22 12.74
N SER A 131 -20.32 -26.69 12.68
CA SER A 131 -20.66 -27.86 11.89
C SER A 131 -21.23 -27.42 10.55
N PHE A 132 -20.53 -27.77 9.47
CA PHE A 132 -20.99 -27.56 8.10
C PHE A 132 -21.51 -28.89 7.61
N SER A 133 -22.84 -29.07 7.63
CA SER A 133 -23.45 -30.34 7.25
C SER A 133 -23.29 -30.56 5.74
N PRO A 134 -23.45 -31.81 5.27
CA PRO A 134 -23.30 -32.08 3.84
C PRO A 134 -24.19 -31.21 2.96
N GLY A 135 -23.64 -30.82 1.82
CA GLY A 135 -24.37 -29.96 0.90
C GLY A 135 -24.59 -28.55 1.40
N SER A 136 -23.82 -28.10 2.41
CA SER A 136 -24.02 -26.77 2.95
C SER A 136 -23.74 -25.67 1.94
N PHE A 137 -22.90 -25.94 0.93
CA PHE A 137 -22.54 -24.97 -0.08
C PHE A 137 -23.14 -25.29 -1.44
N SER A 138 -24.19 -26.11 -1.48
CA SER A 138 -24.89 -26.39 -2.72
C SER A 138 -25.40 -25.10 -3.36
N GLY A 139 -25.31 -25.03 -4.68
CA GLY A 139 -25.81 -23.90 -5.44
C GLY A 139 -24.79 -22.81 -5.73
N LEU A 140 -23.61 -22.86 -5.12
CA LEU A 140 -22.58 -21.85 -5.32
C LEU A 140 -21.63 -22.27 -6.44
N THR A 141 -22.19 -22.29 -7.66
CA THR A 141 -21.54 -22.94 -8.79
C THR A 141 -20.45 -22.09 -9.46
N SER A 142 -20.28 -20.83 -9.06
CA SER A 142 -19.21 -19.99 -9.59
C SER A 142 -18.27 -19.50 -8.51
N LEU A 143 -18.33 -20.09 -7.32
CA LEU A 143 -17.57 -19.57 -6.19
C LEU A 143 -16.08 -19.68 -6.45
N GLU A 144 -15.38 -18.56 -6.28
CA GLU A 144 -13.93 -18.49 -6.45
C GLU A 144 -13.18 -18.25 -5.15
N ASN A 145 -13.82 -17.63 -4.17
CA ASN A 145 -13.14 -17.20 -2.94
C ASN A 145 -14.07 -17.50 -1.77
N LEU A 146 -13.69 -18.46 -0.94
CA LEU A 146 -14.46 -18.82 0.24
C LEU A 146 -13.67 -18.45 1.48
N VAL A 147 -14.21 -17.54 2.28
CA VAL A 147 -13.60 -17.09 3.53
C VAL A 147 -14.39 -17.66 4.68
N ALA A 148 -13.86 -18.70 5.32
CA ALA A 148 -14.49 -19.33 6.47
C ALA A 148 -13.68 -19.09 7.74
N VAL A 149 -13.16 -17.86 7.89
CA VAL A 149 -12.31 -17.52 9.02
C VAL A 149 -13.15 -17.44 10.30
N GLU A 150 -12.63 -18.06 11.36
CA GLU A 150 -13.26 -18.05 12.68
C GLU A 150 -14.72 -18.50 12.62
N THR A 151 -14.90 -19.70 12.07
CA THR A 151 -16.21 -20.36 12.07
C THR A 151 -16.21 -21.63 12.91
N LYS A 152 -15.22 -21.76 13.80
CA LYS A 152 -15.10 -22.93 14.68
C LYS A 152 -15.00 -24.22 13.87
N LEU A 153 -14.46 -24.12 12.66
CA LEU A 153 -14.24 -25.27 11.81
C LEU A 153 -13.14 -26.14 12.40
N ALA A 154 -13.39 -27.45 12.46
CA ALA A 154 -12.49 -28.37 13.15
C ALA A 154 -11.60 -29.17 12.22
N SER A 155 -12.00 -29.37 10.97
CA SER A 155 -11.16 -30.13 10.03
C SER A 155 -11.64 -29.90 8.61
N LEU A 156 -10.71 -30.06 7.66
CA LEU A 156 -11.04 -29.90 6.25
C LEU A 156 -11.69 -31.14 5.67
N GLU A 157 -11.34 -32.33 6.19
CA GLU A 157 -11.93 -33.58 5.70
C GLU A 157 -13.45 -33.52 5.73
N SER A 158 -14.03 -32.94 6.76
CA SER A 158 -15.47 -32.86 6.92
C SER A 158 -16.07 -31.59 6.29
N PHE A 159 -15.25 -30.77 5.66
CA PHE A 159 -15.70 -29.49 5.11
C PHE A 159 -16.27 -29.73 3.72
N PRO A 160 -17.57 -29.53 3.48
CA PRO A 160 -18.19 -29.93 2.20
C PRO A 160 -17.94 -28.93 1.07
N ILE A 161 -16.69 -28.86 0.62
CA ILE A 161 -16.30 -28.00 -0.48
C ILE A 161 -15.81 -28.80 -1.67
N GLY A 162 -15.97 -30.12 -1.66
CA GLY A 162 -15.47 -31.01 -2.69
C GLY A 162 -16.07 -30.84 -4.07
N GLN A 163 -17.14 -30.05 -4.20
CA GLN A 163 -17.78 -29.83 -5.50
C GLN A 163 -17.74 -28.37 -5.92
N LEU A 164 -17.08 -27.50 -5.15
CA LEU A 164 -16.83 -26.13 -5.57
C LEU A 164 -15.63 -26.13 -6.51
N ILE A 165 -15.83 -26.71 -7.69
CA ILE A 165 -14.77 -26.95 -8.65
C ILE A 165 -14.17 -25.67 -9.20
N THR A 166 -14.83 -24.52 -8.97
CA THR A 166 -14.32 -23.24 -9.40
C THR A 166 -13.46 -22.55 -8.33
N LEU A 167 -13.39 -23.11 -7.13
CA LEU A 167 -12.74 -22.42 -6.01
C LEU A 167 -11.26 -22.21 -6.29
N LYS A 168 -10.82 -20.96 -6.14
CA LYS A 168 -9.43 -20.57 -6.32
C LYS A 168 -8.72 -20.32 -4.99
N LYS A 169 -9.40 -19.69 -4.03
CA LYS A 169 -8.83 -19.34 -2.75
C LYS A 169 -9.69 -19.88 -1.62
N LEU A 170 -9.04 -20.47 -0.61
CA LEU A 170 -9.71 -20.98 0.57
C LEU A 170 -9.02 -20.41 1.79
N ASN A 171 -9.74 -19.63 2.59
CA ASN A 171 -9.23 -19.05 3.83
C ASN A 171 -9.98 -19.70 5.00
N VAL A 172 -9.26 -20.50 5.78
CA VAL A 172 -9.82 -21.12 6.98
C VAL A 172 -8.94 -20.77 8.17
N ALA A 173 -8.42 -19.55 8.18
CA ALA A 173 -7.62 -19.09 9.31
C ALA A 173 -8.50 -18.93 10.55
N HIS A 174 -7.85 -19.02 11.72
CA HIS A 174 -8.47 -18.72 13.02
C HIS A 174 -9.61 -19.69 13.33
N ASN A 175 -9.36 -20.99 13.12
CA ASN A 175 -10.34 -22.01 13.47
C ASN A 175 -9.74 -23.01 14.46
N PHE A 176 -10.27 -24.23 14.48
CA PHE A 176 -9.78 -25.28 15.39
C PHE A 176 -9.12 -26.42 14.62
N ILE A 177 -8.61 -26.14 13.42
CA ILE A 177 -7.95 -27.18 12.64
C ILE A 177 -6.65 -27.58 13.33
N HIS A 178 -6.49 -28.88 13.56
CA HIS A 178 -5.32 -29.43 14.22
C HIS A 178 -4.53 -30.40 13.36
N SER A 179 -4.97 -30.65 12.13
CA SER A 179 -4.29 -31.55 11.22
C SER A 179 -3.87 -30.80 9.97
N CYS A 180 -2.71 -31.14 9.43
CA CYS A 180 -2.19 -30.58 8.19
C CYS A 180 -2.61 -31.38 6.97
N LYS A 181 -3.53 -32.32 7.13
CA LYS A 181 -3.92 -33.22 6.04
C LYS A 181 -4.67 -32.45 4.96
N LEU A 182 -4.10 -32.42 3.77
CA LEU A 182 -4.81 -31.91 2.60
C LEU A 182 -5.76 -32.99 2.10
N PRO A 183 -7.06 -32.78 2.17
CA PRO A 183 -8.01 -33.85 1.86
C PRO A 183 -7.92 -34.31 0.40
N ALA A 184 -8.43 -35.52 0.18
CA ALA A 184 -8.35 -36.12 -1.16
C ALA A 184 -9.21 -35.41 -2.17
N TYR A 185 -10.31 -34.77 -1.74
CA TYR A 185 -11.19 -34.10 -2.68
C TYR A 185 -10.53 -32.88 -3.31
N PHE A 186 -9.34 -32.49 -2.87
CA PHE A 186 -8.60 -31.42 -3.53
C PHE A 186 -8.32 -31.73 -4.99
N SER A 187 -8.38 -33.01 -5.39
CA SER A 187 -8.22 -33.35 -6.80
C SER A 187 -9.42 -32.89 -7.62
N ASN A 188 -10.58 -32.75 -6.99
CA ASN A 188 -11.74 -32.18 -7.68
C ASN A 188 -11.59 -30.67 -7.85
N LEU A 189 -10.82 -30.03 -6.96
CA LEU A 189 -10.66 -28.58 -6.94
C LEU A 189 -9.44 -28.18 -7.75
N THR A 190 -9.55 -28.38 -9.07
CA THR A 190 -8.40 -28.19 -9.96
C THR A 190 -7.93 -26.75 -10.03
N ASN A 191 -8.74 -25.80 -9.57
CA ASN A 191 -8.39 -24.39 -9.65
C ASN A 191 -7.90 -23.81 -8.33
N LEU A 192 -7.90 -24.61 -7.27
CA LEU A 192 -7.47 -24.12 -5.95
C LEU A 192 -5.98 -23.86 -5.96
N VAL A 193 -5.58 -22.60 -5.80
CA VAL A 193 -4.17 -22.23 -5.78
C VAL A 193 -3.70 -21.73 -4.42
N HIS A 194 -4.61 -21.34 -3.51
CA HIS A 194 -4.19 -20.81 -2.22
C HIS A 194 -5.08 -21.36 -1.11
N VAL A 195 -4.44 -21.82 -0.03
CA VAL A 195 -5.12 -22.24 1.18
C VAL A 195 -4.47 -21.53 2.35
N ASP A 196 -5.27 -20.81 3.14
CA ASP A 196 -4.78 -20.09 4.32
C ASP A 196 -5.11 -20.93 5.55
N LEU A 197 -4.09 -21.50 6.17
CA LEU A 197 -4.24 -22.25 7.41
C LEU A 197 -3.74 -21.48 8.62
N SER A 198 -3.56 -20.16 8.50
CA SER A 198 -2.94 -19.39 9.56
C SER A 198 -3.76 -19.46 10.84
N TYR A 199 -3.07 -19.35 11.97
CA TYR A 199 -3.71 -19.20 13.28
C TYR A 199 -4.66 -20.36 13.58
N ASN A 200 -4.16 -21.59 13.41
CA ASN A 200 -4.90 -22.78 13.83
C ASN A 200 -4.08 -23.53 14.86
N TYR A 201 -4.35 -24.83 15.04
CA TYR A 201 -3.71 -25.61 16.08
C TYR A 201 -2.85 -26.73 15.52
N ILE A 202 -2.31 -26.54 14.31
CA ILE A 202 -1.49 -27.57 13.69
C ILE A 202 -0.15 -27.63 14.42
N GLN A 203 0.16 -28.79 15.00
CA GLN A 203 1.43 -29.03 15.67
C GLN A 203 2.36 -29.97 14.91
N THR A 204 1.82 -30.74 13.95
CA THR A 204 2.57 -31.79 13.26
C THR A 204 2.32 -31.69 11.77
N ILE A 205 3.35 -32.03 10.99
CA ILE A 205 3.24 -32.25 9.56
C ILE A 205 3.83 -33.61 9.26
N THR A 206 3.00 -34.54 8.78
CA THR A 206 3.42 -35.91 8.53
C THR A 206 3.60 -36.13 7.04
N VAL A 207 4.21 -37.28 6.71
CA VAL A 207 4.36 -37.69 5.31
C VAL A 207 2.99 -37.80 4.66
N ASN A 208 2.05 -38.44 5.36
CA ASN A 208 0.73 -38.68 4.79
C ASN A 208 -0.07 -37.39 4.66
N ASP A 209 0.22 -36.38 5.49
CA ASP A 209 -0.52 -35.12 5.43
C ASP A 209 -0.39 -34.48 4.05
N LEU A 210 0.77 -34.63 3.42
CA LEU A 210 1.05 -34.04 2.12
C LEU A 210 0.90 -35.05 0.99
N GLN A 211 0.27 -36.19 1.26
CA GLN A 211 0.09 -37.23 0.23
C GLN A 211 -0.49 -36.64 -1.04
N PHE A 212 -1.54 -35.82 -0.93
CA PHE A 212 -2.22 -35.30 -2.12
C PHE A 212 -1.26 -34.57 -3.05
N LEU A 213 -0.36 -33.76 -2.49
CA LEU A 213 0.58 -33.01 -3.32
C LEU A 213 1.65 -33.93 -3.90
N ARG A 214 2.08 -34.92 -3.13
CA ARG A 214 3.01 -35.92 -3.64
C ARG A 214 2.41 -36.65 -4.83
N GLU A 215 1.12 -36.99 -4.75
CA GLU A 215 0.47 -37.68 -5.86
C GLU A 215 0.34 -36.78 -7.08
N ASN A 216 0.11 -35.48 -6.85
CA ASN A 216 -0.26 -34.53 -7.89
C ASN A 216 0.81 -33.44 -8.00
N PRO A 217 1.95 -33.73 -8.64
CA PRO A 217 3.00 -32.71 -8.78
C PRO A 217 2.63 -31.57 -9.71
N GLN A 218 1.55 -31.70 -10.50
CA GLN A 218 1.13 -30.65 -11.42
C GLN A 218 0.35 -29.54 -10.72
N VAL A 219 -0.13 -29.77 -9.51
CA VAL A 219 -0.95 -28.78 -8.82
C VAL A 219 -0.08 -27.61 -8.35
N ASN A 220 -0.49 -26.40 -8.69
CA ASN A 220 0.11 -25.19 -8.15
C ASN A 220 -0.67 -24.80 -6.90
N LEU A 221 -0.04 -24.93 -5.74
CA LEU A 221 -0.70 -24.64 -4.47
C LEU A 221 0.22 -23.85 -3.56
N SER A 222 -0.36 -22.86 -2.88
CA SER A 222 0.33 -22.09 -1.86
C SER A 222 -0.30 -22.36 -0.50
N LEU A 223 0.54 -22.48 0.53
CA LEU A 223 0.08 -22.77 1.87
C LEU A 223 0.56 -21.69 2.82
N ASP A 224 -0.36 -21.10 3.58
CA ASP A 224 -0.01 -20.15 4.64
C ASP A 224 -0.19 -20.87 5.96
N MET A 225 0.94 -21.17 6.62
CA MET A 225 0.95 -21.93 7.86
C MET A 225 1.22 -21.05 9.08
N SER A 226 1.21 -19.73 8.92
CA SER A 226 1.63 -18.83 9.98
C SER A 226 0.81 -19.04 11.25
N LEU A 227 1.45 -18.77 12.39
CA LEU A 227 0.78 -18.80 13.70
C LEU A 227 0.17 -20.16 14.01
N ASN A 228 0.84 -21.23 13.56
CA ASN A 228 0.51 -22.58 14.00
C ASN A 228 1.62 -23.11 14.90
N PRO A 229 1.27 -23.74 16.03
CA PRO A 229 2.29 -24.22 16.99
C PRO A 229 2.99 -25.48 16.53
N ILE A 230 3.65 -25.40 15.37
CA ILE A 230 4.32 -26.56 14.79
C ILE A 230 5.56 -26.90 15.61
N ASP A 231 5.63 -28.15 16.07
CA ASP A 231 6.81 -28.63 16.77
C ASP A 231 7.34 -29.96 16.25
N PHE A 232 6.73 -30.54 15.20
CA PHE A 232 7.20 -31.81 14.68
C PHE A 232 6.86 -31.91 13.19
N ILE A 233 7.88 -32.14 12.38
CA ILE A 233 7.72 -32.47 10.96
C ILE A 233 8.32 -33.85 10.75
N GLN A 234 7.51 -34.77 10.23
CA GLN A 234 7.95 -36.16 10.09
C GLN A 234 9.14 -36.25 9.13
N ASP A 235 9.98 -37.26 9.36
CA ASP A 235 11.12 -37.52 8.49
C ASP A 235 10.64 -37.75 7.06
N GLN A 236 11.15 -36.92 6.15
CA GLN A 236 10.87 -37.00 4.71
C GLN A 236 9.44 -36.62 4.35
N ALA A 237 8.76 -35.85 5.20
CA ALA A 237 7.39 -35.45 4.88
C ALA A 237 7.31 -34.62 3.61
N PHE A 238 8.40 -33.92 3.27
CA PHE A 238 8.41 -33.01 2.13
C PHE A 238 9.18 -33.56 0.94
N GLN A 239 9.44 -34.86 0.91
CA GLN A 239 10.00 -35.47 -0.29
C GLN A 239 8.95 -35.52 -1.39
N GLY A 240 9.32 -35.07 -2.58
CA GLY A 240 8.39 -35.05 -3.69
C GLY A 240 7.28 -34.02 -3.57
N ILE A 241 7.49 -32.98 -2.76
CA ILE A 241 6.47 -31.96 -2.51
C ILE A 241 6.90 -30.68 -3.19
N LYS A 242 5.98 -30.09 -3.96
CA LYS A 242 6.21 -28.81 -4.62
C LYS A 242 5.16 -27.82 -4.14
N LEU A 243 5.59 -26.59 -3.87
CA LEU A 243 4.70 -25.54 -3.42
C LEU A 243 5.11 -24.23 -4.10
N HIS A 244 4.11 -23.41 -4.40
CA HIS A 244 4.38 -22.07 -4.92
C HIS A 244 4.91 -21.20 -3.80
N GLU A 245 4.02 -20.82 -2.89
CA GLU A 245 4.36 -19.95 -1.77
C GLU A 245 4.10 -20.69 -0.47
N LEU A 246 5.11 -20.73 0.40
CA LEU A 246 4.98 -21.29 1.74
C LEU A 246 5.34 -20.20 2.75
N THR A 247 4.40 -19.86 3.60
CA THR A 247 4.60 -18.86 4.65
C THR A 247 4.68 -19.57 5.99
N LEU A 248 5.79 -19.36 6.71
CA LEU A 248 6.00 -19.88 8.06
C LEU A 248 6.41 -18.71 8.95
N ARG A 249 5.42 -17.96 9.42
CA ARG A 249 5.64 -16.80 10.28
C ARG A 249 5.03 -17.05 11.65
N GLY A 250 5.79 -16.71 12.70
CA GLY A 250 5.29 -16.84 14.06
C GLY A 250 4.93 -18.24 14.47
N ASN A 251 5.62 -19.26 13.93
CA ASN A 251 5.32 -20.64 14.30
C ASN A 251 6.09 -21.11 15.52
N PHE A 252 7.25 -20.55 15.79
CA PHE A 252 8.21 -21.16 16.71
C PHE A 252 8.46 -20.27 17.92
N ASN A 253 8.51 -20.91 19.10
CA ASN A 253 8.87 -20.26 20.34
C ASN A 253 10.31 -20.51 20.75
N SER A 254 10.95 -21.55 20.23
CA SER A 254 12.27 -21.97 20.67
C SER A 254 13.15 -22.18 19.46
N SER A 255 14.43 -21.82 19.60
CA SER A 255 15.37 -21.97 18.49
C SER A 255 15.53 -23.42 18.08
N ASN A 256 15.66 -24.31 19.08
CA ASN A 256 15.89 -25.73 18.81
C ASN A 256 14.72 -26.35 18.07
N ILE A 257 13.48 -25.94 18.41
CA ILE A 257 12.33 -26.49 17.70
C ILE A 257 12.27 -25.99 16.27
N MET A 258 12.61 -24.71 16.05
CA MET A 258 12.64 -24.19 14.69
C MET A 258 13.72 -24.87 13.86
N LYS A 259 14.92 -25.02 14.44
CA LYS A 259 16.00 -25.68 13.71
C LYS A 259 15.65 -27.13 13.40
N THR A 260 15.05 -27.84 14.35
CA THR A 260 14.69 -29.24 14.12
C THR A 260 13.63 -29.38 13.04
N CYS A 261 12.67 -28.46 13.00
CA CYS A 261 11.60 -28.56 12.02
C CYS A 261 12.06 -28.16 10.63
N LEU A 262 12.94 -27.15 10.53
CA LEU A 262 13.41 -26.70 9.22
C LEU A 262 14.20 -27.78 8.51
N GLN A 263 14.89 -28.64 9.27
CA GLN A 263 15.69 -29.71 8.67
C GLN A 263 14.81 -30.68 7.89
N ASN A 264 13.61 -30.96 8.39
CA ASN A 264 12.71 -31.91 7.76
C ASN A 264 11.84 -31.29 6.68
N LEU A 265 12.12 -30.05 6.28
CA LEU A 265 11.63 -29.53 5.01
C LEU A 265 12.39 -30.11 3.83
N ALA A 266 13.32 -31.03 4.09
CA ALA A 266 14.21 -31.55 3.06
C ALA A 266 13.43 -32.21 1.93
N GLY A 267 13.87 -31.94 0.70
CA GLY A 267 13.21 -32.42 -0.50
C GLY A 267 12.18 -31.44 -1.06
N LEU A 268 11.84 -30.41 -0.30
CA LEU A 268 10.81 -29.48 -0.73
C LEU A 268 11.33 -28.54 -1.81
N HIS A 269 10.44 -28.19 -2.75
CA HIS A 269 10.74 -27.25 -3.84
C HIS A 269 9.70 -26.14 -3.77
N VAL A 270 10.10 -24.96 -3.31
CA VAL A 270 9.20 -23.82 -3.17
C VAL A 270 9.69 -22.70 -4.06
N HIS A 271 8.74 -22.03 -4.72
CA HIS A 271 9.07 -20.80 -5.42
C HIS A 271 9.40 -19.68 -4.44
N ARG A 272 8.59 -19.54 -3.38
CA ARG A 272 8.71 -18.42 -2.46
C ARG A 272 8.51 -18.89 -1.02
N LEU A 273 9.57 -18.81 -0.22
CA LEU A 273 9.53 -19.16 1.20
C LEU A 273 9.58 -17.89 2.04
N ILE A 274 8.61 -17.74 2.94
CA ILE A 274 8.52 -16.56 3.80
C ILE A 274 8.69 -17.01 5.24
N LEU A 275 9.66 -16.41 5.94
CA LEU A 275 10.03 -16.80 7.29
C LEU A 275 10.12 -15.55 8.17
N GLY A 276 9.87 -15.72 9.47
CA GLY A 276 10.03 -14.63 10.41
C GLY A 276 9.07 -14.75 11.56
N GLU A 277 9.01 -13.67 12.35
CA GLU A 277 8.19 -13.62 13.56
C GLU A 277 7.30 -12.37 13.53
N PHE A 278 6.61 -12.12 14.63
CA PHE A 278 5.82 -10.91 14.82
C PHE A 278 6.23 -10.24 16.12
N LYS A 279 6.19 -8.91 16.13
CA LYS A 279 6.51 -8.16 17.34
C LYS A 279 5.57 -8.47 18.49
N ASP A 280 4.29 -8.73 18.18
CA ASP A 280 3.27 -8.94 19.19
C ASP A 280 3.04 -10.42 19.49
N GLU A 281 4.06 -11.25 19.31
CA GLU A 281 4.00 -12.66 19.67
C GLU A 281 5.32 -13.05 20.35
N ARG A 282 5.25 -14.07 21.21
CA ARG A 282 6.46 -14.56 21.87
C ARG A 282 7.48 -15.01 20.84
N ASN A 283 8.71 -14.56 20.98
CA ASN A 283 9.71 -14.67 19.92
C ASN A 283 10.84 -15.61 20.32
N LEU A 284 11.61 -16.01 19.31
CA LEU A 284 12.77 -16.86 19.52
C LEU A 284 13.78 -16.17 20.43
N GLU A 285 14.35 -16.95 21.35
CA GLU A 285 15.39 -16.44 22.24
C GLU A 285 16.58 -15.91 21.45
N ILE A 286 17.14 -16.73 20.57
CA ILE A 286 18.26 -16.35 19.73
C ILE A 286 17.99 -16.85 18.31
N PHE A 287 18.47 -16.10 17.32
CA PHE A 287 18.32 -16.45 15.91
C PHE A 287 19.72 -16.43 15.28
N GLU A 288 20.36 -17.59 15.27
CA GLU A 288 21.63 -17.76 14.60
C GLU A 288 21.42 -18.32 13.20
N PRO A 289 22.40 -18.15 12.30
CA PRO A 289 22.26 -18.72 10.95
C PRO A 289 22.09 -20.24 10.96
N SER A 290 22.73 -20.94 11.90
CA SER A 290 22.65 -22.39 11.94
C SER A 290 21.24 -22.90 12.24
N ILE A 291 20.36 -22.03 12.74
CA ILE A 291 18.95 -22.41 12.87
C ILE A 291 18.38 -22.80 11.52
N MET A 292 18.86 -22.18 10.44
CA MET A 292 18.38 -22.43 9.10
C MET A 292 19.26 -23.40 8.32
N GLU A 293 20.04 -24.24 9.01
CA GLU A 293 20.85 -25.24 8.33
C GLU A 293 20.00 -26.17 7.48
N GLY A 294 18.75 -26.42 7.89
CA GLY A 294 17.89 -27.30 7.14
C GLY A 294 17.55 -26.79 5.76
N LEU A 295 17.55 -25.45 5.58
CA LEU A 295 17.19 -24.85 4.30
C LEU A 295 18.12 -25.25 3.18
N CYS A 296 19.26 -25.86 3.47
CA CYS A 296 20.17 -26.31 2.42
C CYS A 296 19.59 -27.49 1.65
N ASP A 297 18.72 -28.28 2.27
CA ASP A 297 18.07 -29.39 1.60
C ASP A 297 16.75 -28.99 0.95
N VAL A 298 16.53 -27.69 0.77
CA VAL A 298 15.34 -27.16 0.10
C VAL A 298 15.80 -26.32 -1.07
N THR A 299 15.12 -26.47 -2.21
CA THR A 299 15.34 -25.62 -3.37
C THR A 299 14.39 -24.44 -3.29
N ILE A 300 14.94 -23.23 -3.17
CA ILE A 300 14.17 -22.02 -2.93
C ILE A 300 14.47 -21.04 -4.06
N ASP A 301 13.42 -20.63 -4.78
CA ASP A 301 13.61 -19.60 -5.80
C ASP A 301 13.64 -18.21 -5.18
N GLU A 302 12.70 -17.93 -4.28
CA GLU A 302 12.62 -16.62 -3.63
C GLU A 302 12.53 -16.82 -2.14
N PHE A 303 13.34 -16.08 -1.39
CA PHE A 303 13.39 -16.14 0.06
C PHE A 303 13.02 -14.79 0.65
N ARG A 304 12.00 -14.77 1.50
CA ARG A 304 11.58 -13.55 2.21
C ARG A 304 11.80 -13.74 3.70
N LEU A 305 12.58 -12.85 4.31
CA LEU A 305 12.74 -12.79 5.75
C LEU A 305 12.03 -11.55 6.28
N THR A 306 11.23 -11.74 7.32
CA THR A 306 10.52 -10.63 7.95
C THR A 306 11.09 -10.40 9.35
N TYR A 307 10.38 -9.60 10.14
CA TYR A 307 10.85 -9.25 11.48
C TYR A 307 11.23 -10.49 12.27
N THR A 308 12.36 -10.39 12.96
CA THR A 308 12.76 -11.34 13.99
C THR A 308 13.25 -10.54 15.18
N ASN A 309 12.88 -10.98 16.39
CA ASN A 309 13.34 -10.30 17.60
C ASN A 309 14.86 -10.23 17.65
N ASP A 310 15.51 -11.38 17.52
CA ASP A 310 16.96 -11.44 17.41
C ASP A 310 17.36 -11.52 15.94
N PHE A 311 18.52 -10.95 15.62
CA PHE A 311 19.04 -11.03 14.27
C PHE A 311 20.55 -10.78 14.30
N SER A 312 21.23 -11.34 13.31
CA SER A 312 22.67 -11.14 13.13
C SER A 312 22.94 -10.98 11.64
N ASP A 313 23.84 -10.04 11.30
CA ASP A 313 24.06 -9.70 9.89
C ASP A 313 24.50 -10.91 9.07
N ASP A 314 25.11 -11.91 9.72
CA ASP A 314 25.56 -13.10 9.01
C ASP A 314 24.40 -13.90 8.42
N ILE A 315 23.19 -13.74 8.96
CA ILE A 315 22.04 -14.54 8.53
C ILE A 315 21.79 -14.34 7.04
N VAL A 316 21.97 -13.12 6.53
CA VAL A 316 21.74 -12.86 5.12
C VAL A 316 22.85 -13.42 4.25
N LYS A 317 24.02 -13.70 4.80
CA LYS A 317 25.13 -14.28 4.07
C LYS A 317 25.19 -15.80 4.20
N PHE A 318 24.11 -16.42 4.68
CA PHE A 318 24.12 -17.86 4.94
C PHE A 318 24.24 -18.62 3.62
N HIS A 319 25.09 -19.65 3.62
CA HIS A 319 25.43 -20.36 2.40
C HIS A 319 24.24 -21.10 1.79
N CYS A 320 23.23 -21.44 2.59
CA CYS A 320 22.06 -22.12 2.05
C CYS A 320 21.16 -21.18 1.25
N LEU A 321 21.44 -19.88 1.25
CA LEU A 321 20.73 -18.91 0.44
C LEU A 321 21.44 -18.59 -0.87
N ALA A 322 22.49 -19.34 -1.20
CA ALA A 322 23.36 -18.97 -2.32
C ALA A 322 22.69 -19.11 -3.67
N ASN A 323 21.79 -20.08 -3.82
CA ASN A 323 21.15 -20.34 -5.11
C ASN A 323 19.79 -19.67 -5.25
N VAL A 324 19.35 -18.94 -4.23
CA VAL A 324 18.15 -18.12 -4.36
C VAL A 324 18.35 -17.07 -5.44
N SER A 325 17.27 -16.78 -6.19
CA SER A 325 17.28 -15.75 -7.21
C SER A 325 16.61 -14.45 -6.79
N ALA A 326 15.75 -14.47 -5.77
CA ALA A 326 15.16 -13.24 -5.23
C ALA A 326 15.27 -13.29 -3.71
N MET A 327 16.09 -12.39 -3.16
CA MET A 327 16.29 -12.27 -1.72
C MET A 327 15.58 -11.02 -1.21
N SER A 328 14.94 -11.13 -0.06
CA SER A 328 14.14 -10.03 0.46
C SER A 328 14.24 -9.94 1.98
N LEU A 329 14.38 -8.71 2.48
CA LEU A 329 14.39 -8.42 3.91
C LEU A 329 13.40 -7.29 4.16
N ALA A 330 12.48 -7.50 5.11
CA ALA A 330 11.48 -6.50 5.47
C ALA A 330 11.39 -6.41 6.98
N GLY A 331 11.59 -5.21 7.53
CA GLY A 331 11.50 -5.00 8.95
C GLY A 331 12.57 -5.69 9.77
N VAL A 332 13.72 -5.98 9.17
CA VAL A 332 14.77 -6.78 9.80
C VAL A 332 15.83 -5.85 10.38
N SER A 333 16.36 -6.23 11.55
CA SER A 333 17.37 -5.45 12.25
C SER A 333 18.77 -5.62 11.67
N ILE A 334 18.91 -5.64 10.35
CA ILE A 334 20.23 -5.75 9.74
C ILE A 334 20.92 -4.39 9.81
N LYS A 335 22.16 -4.37 10.30
CA LYS A 335 22.94 -3.16 10.38
C LYS A 335 23.96 -3.03 9.25
N TYR A 336 24.53 -4.13 8.80
CA TYR A 336 25.55 -4.10 7.75
C TYR A 336 25.31 -5.23 6.77
N LEU A 337 25.25 -4.88 5.49
CA LEU A 337 25.14 -5.85 4.39
C LEU A 337 26.43 -5.71 3.58
N GLU A 338 27.41 -6.57 3.84
CA GLU A 338 28.73 -6.47 3.24
C GLU A 338 29.27 -7.86 2.93
N ASP A 339 30.10 -7.94 1.89
CA ASP A 339 30.84 -9.15 1.54
C ASP A 339 29.89 -10.33 1.27
N VAL A 340 28.96 -10.11 0.34
CA VAL A 340 28.12 -11.19 -0.16
C VAL A 340 28.93 -11.94 -1.22
N PRO A 341 29.15 -13.24 -1.06
CA PRO A 341 30.02 -13.96 -2.00
C PRO A 341 29.53 -13.83 -3.44
N LYS A 342 30.48 -13.66 -4.35
CA LYS A 342 30.15 -13.40 -5.75
C LYS A 342 29.49 -14.59 -6.43
N HIS A 343 29.62 -15.80 -5.88
CA HIS A 343 28.93 -16.95 -6.45
C HIS A 343 27.47 -17.01 -6.05
N PHE A 344 27.01 -16.08 -5.21
CA PHE A 344 25.58 -15.97 -4.96
C PHE A 344 24.85 -15.57 -6.24
N LYS A 345 23.70 -16.20 -6.47
CA LYS A 345 22.96 -16.07 -7.71
C LYS A 345 21.77 -15.13 -7.59
N TRP A 346 21.72 -14.30 -6.55
CA TRP A 346 20.64 -13.35 -6.36
C TRP A 346 20.47 -12.47 -7.60
N GLN A 347 19.28 -12.51 -8.21
CA GLN A 347 18.95 -11.63 -9.31
C GLN A 347 18.12 -10.42 -8.89
N SER A 348 17.60 -10.41 -7.67
CA SER A 348 16.92 -9.25 -7.10
C SER A 348 17.10 -9.25 -5.59
N LEU A 349 17.35 -8.07 -5.04
CA LEU A 349 17.53 -7.89 -3.61
C LEU A 349 16.58 -6.80 -3.12
N SER A 350 15.91 -7.05 -2.00
CA SER A 350 14.89 -6.14 -1.49
C SER A 350 15.10 -5.93 0.00
N ILE A 351 15.40 -4.69 0.39
CA ILE A 351 15.65 -4.32 1.78
C ILE A 351 14.66 -3.22 2.13
N ILE A 352 13.63 -3.56 2.90
CA ILE A 352 12.51 -2.65 3.17
C ILE A 352 12.34 -2.50 4.68
N ARG A 353 12.21 -1.25 5.13
CA ARG A 353 11.96 -0.94 6.54
C ARG A 353 12.99 -1.60 7.46
N CYS A 354 14.24 -1.65 7.00
CA CYS A 354 15.32 -2.24 7.77
C CYS A 354 16.11 -1.13 8.47
N GLN A 355 17.27 -1.45 9.02
CA GLN A 355 18.00 -0.53 9.89
C GLN A 355 19.46 -0.45 9.50
N LEU A 356 19.75 -0.31 8.21
CA LEU A 356 21.12 -0.21 7.77
C LEU A 356 21.75 1.09 8.28
N LYS A 357 22.84 0.95 9.02
CA LYS A 357 23.63 2.09 9.46
C LYS A 357 24.48 2.70 8.35
N GLN A 358 24.69 1.96 7.27
CA GLN A 358 25.71 2.29 6.28
C GLN A 358 25.32 1.64 4.97
N PHE A 359 25.44 2.39 3.88
CA PHE A 359 24.98 1.89 2.58
C PHE A 359 25.70 0.60 2.23
N PRO A 360 25.00 -0.39 1.68
CA PRO A 360 25.63 -1.69 1.42
C PRO A 360 26.77 -1.58 0.40
N THR A 361 27.76 -2.44 0.59
CA THR A 361 28.79 -2.69 -0.41
C THR A 361 28.43 -3.98 -1.13
N LEU A 362 28.11 -3.87 -2.42
CA LEU A 362 27.58 -4.98 -3.19
C LEU A 362 28.26 -5.01 -4.55
N ASP A 363 28.71 -6.20 -4.97
CA ASP A 363 29.26 -6.40 -6.30
C ASP A 363 28.65 -7.63 -6.97
N LEU A 364 27.42 -7.99 -6.60
CA LEU A 364 26.74 -9.15 -7.16
C LEU A 364 26.58 -8.98 -8.67
N PRO A 365 27.25 -9.81 -9.49
CA PRO A 365 27.25 -9.58 -10.94
C PRO A 365 25.96 -9.96 -11.63
N PHE A 366 25.10 -10.77 -11.00
CA PHE A 366 23.84 -11.18 -11.61
C PHE A 366 22.64 -10.41 -11.06
N LEU A 367 22.88 -9.40 -10.23
CA LEU A 367 21.79 -8.66 -9.60
C LEU A 367 21.18 -7.69 -10.60
N LYS A 368 19.88 -7.85 -10.89
CA LYS A 368 19.17 -7.01 -11.83
C LYS A 368 18.33 -5.94 -11.17
N SER A 369 17.79 -6.20 -9.99
CA SER A 369 16.93 -5.26 -9.29
C SER A 369 17.42 -5.08 -7.87
N LEU A 370 17.46 -3.83 -7.40
CA LEU A 370 17.85 -3.52 -6.03
C LEU A 370 16.86 -2.53 -5.45
N THR A 371 16.22 -2.91 -4.34
CA THR A 371 15.31 -2.02 -3.61
C THR A 371 15.82 -1.87 -2.19
N LEU A 372 16.19 -0.63 -1.83
CA LEU A 372 16.53 -0.26 -0.46
C LEU A 372 15.68 0.95 -0.13
N THR A 373 14.63 0.74 0.69
CA THR A 373 13.62 1.77 0.88
C THR A 373 13.14 1.79 2.32
N MET A 374 12.70 2.97 2.75
CA MET A 374 12.14 3.17 4.09
C MET A 374 13.12 2.72 5.18
N ASN A 375 14.42 2.87 4.90
CA ASN A 375 15.44 2.49 5.87
C ASN A 375 15.39 3.40 7.09
N LYS A 376 15.61 2.81 8.26
CA LYS A 376 15.60 3.55 9.53
C LYS A 376 16.94 4.24 9.71
N GLY A 377 16.92 5.57 9.69
CA GLY A 377 18.15 6.34 9.77
C GLY A 377 18.40 7.17 8.53
N SER A 378 19.62 7.67 8.39
CA SER A 378 20.08 8.31 7.16
C SER A 378 21.43 7.71 6.79
N ILE A 379 21.51 7.16 5.58
CA ILE A 379 22.75 6.63 5.05
C ILE A 379 23.20 7.52 3.90
N SER A 380 24.50 7.51 3.64
CA SER A 380 25.05 8.16 2.47
C SER A 380 25.30 7.12 1.38
N PHE A 381 25.04 7.50 0.13
CA PHE A 381 25.27 6.58 -0.97
C PHE A 381 26.75 6.25 -1.09
N LYS A 382 27.03 4.97 -1.34
CA LYS A 382 28.37 4.51 -1.67
C LYS A 382 28.32 3.83 -3.02
N LYS A 383 29.37 4.02 -3.82
CA LYS A 383 29.41 3.46 -5.16
C LYS A 383 29.30 1.93 -5.10
N VAL A 384 28.56 1.36 -6.06
CA VAL A 384 28.42 -0.08 -6.17
C VAL A 384 28.92 -0.51 -7.55
N ALA A 385 29.06 -1.82 -7.72
CA ALA A 385 29.51 -2.41 -8.99
C ALA A 385 28.54 -3.54 -9.34
N LEU A 386 27.43 -3.19 -9.99
CA LEU A 386 26.36 -4.13 -10.31
C LEU A 386 26.15 -4.12 -11.81
N PRO A 387 26.93 -4.90 -12.56
CA PRO A 387 26.90 -4.79 -14.03
C PRO A 387 25.59 -5.23 -14.66
N SER A 388 24.77 -6.02 -13.95
CA SER A 388 23.48 -6.44 -14.48
C SER A 388 22.32 -5.57 -14.02
N LEU A 389 22.60 -4.51 -13.25
CA LEU A 389 21.56 -3.72 -12.62
C LEU A 389 20.74 -2.96 -13.66
N SER A 390 19.42 -3.16 -13.64
CA SER A 390 18.50 -2.43 -14.50
C SER A 390 17.38 -1.73 -13.75
N TYR A 391 17.20 -2.02 -12.46
CA TYR A 391 16.16 -1.42 -11.64
C TYR A 391 16.74 -1.03 -10.29
N LEU A 392 16.56 0.23 -9.91
CA LEU A 392 17.14 0.74 -8.67
C LEU A 392 16.14 1.64 -7.97
N ASP A 393 15.69 1.23 -6.78
CA ASP A 393 14.77 1.99 -5.96
C ASP A 393 15.46 2.28 -4.63
N LEU A 394 15.90 3.52 -4.45
CA LEU A 394 16.54 3.96 -3.22
C LEU A 394 15.71 5.01 -2.49
N SER A 395 14.39 4.95 -2.64
CA SER A 395 13.52 6.00 -2.14
C SER A 395 13.30 5.88 -0.63
N ARG A 396 12.97 7.03 -0.02
CA ARG A 396 12.54 7.08 1.39
CA ARG A 396 12.52 7.07 1.38
C ARG A 396 13.62 6.60 2.34
N ASN A 397 14.85 7.03 2.11
CA ASN A 397 15.96 6.65 2.98
C ASN A 397 16.61 7.85 3.67
N ALA A 398 16.06 9.05 3.50
CA ALA A 398 16.76 10.29 3.85
C ALA A 398 18.19 10.26 3.31
N LEU A 399 18.36 9.63 2.15
CA LEU A 399 19.67 9.35 1.56
C LEU A 399 20.34 10.64 1.12
N SER A 400 21.66 10.69 1.27
CA SER A 400 22.47 11.79 0.76
C SER A 400 23.39 11.24 -0.31
N PHE A 401 23.26 11.77 -1.52
CA PHE A 401 23.97 11.28 -2.71
C PHE A 401 24.88 12.41 -3.20
N SER A 402 26.18 12.20 -3.09
CA SER A 402 27.17 13.17 -3.56
C SER A 402 27.75 12.68 -4.87
N GLY A 403 27.45 13.38 -5.95
CA GLY A 403 27.99 13.05 -7.25
C GLY A 403 27.04 12.38 -8.21
N CYS A 404 25.74 12.63 -8.10
CA CYS A 404 24.76 12.08 -9.02
C CYS A 404 24.86 12.76 -10.37
N CYS A 405 24.81 11.99 -11.47
CA CYS A 405 24.86 10.52 -11.49
C CYS A 405 25.60 10.11 -12.76
N SER A 406 26.32 8.99 -12.74
CA SER A 406 26.99 8.51 -13.95
C SER A 406 27.29 7.02 -13.79
N TYR A 407 28.03 6.48 -14.76
CA TYR A 407 28.27 5.05 -14.82
C TYR A 407 29.10 4.57 -13.63
N SER A 408 30.07 5.38 -13.19
CA SER A 408 30.97 4.95 -12.13
C SER A 408 30.29 4.80 -10.79
N ASP A 409 29.14 5.45 -10.58
CA ASP A 409 28.40 5.27 -9.34
C ASP A 409 27.81 3.87 -9.22
N LEU A 410 27.43 3.27 -10.35
CA LEU A 410 26.63 2.05 -10.35
C LEU A 410 27.27 0.89 -11.10
N GLY A 411 28.17 1.15 -12.04
CA GLY A 411 28.82 0.07 -12.76
C GLY A 411 27.91 -0.72 -13.68
N THR A 412 26.89 -0.06 -14.24
CA THR A 412 25.95 -0.71 -15.14
C THR A 412 25.63 0.21 -16.31
N ASN A 413 25.40 -0.39 -17.46
CA ASN A 413 24.93 0.31 -18.65
C ASN A 413 23.47 0.04 -18.94
N SER A 414 22.78 -0.70 -18.07
CA SER A 414 21.45 -1.20 -18.36
C SER A 414 20.39 -0.63 -17.44
N LEU A 415 20.70 0.47 -16.74
CA LEU A 415 19.74 1.05 -15.79
C LEU A 415 18.56 1.64 -16.56
N ARG A 416 17.34 1.22 -16.20
CA ARG A 416 16.12 1.75 -16.78
C ARG A 416 15.24 2.49 -15.79
N HIS A 417 15.38 2.20 -14.49
CA HIS A 417 14.52 2.76 -13.47
C HIS A 417 15.38 3.22 -12.30
N LEU A 418 15.22 4.47 -11.90
CA LEU A 418 15.99 5.05 -10.80
C LEU A 418 15.07 5.90 -9.95
N ASP A 419 14.87 5.47 -8.71
CA ASP A 419 14.01 6.18 -7.76
C ASP A 419 14.89 6.69 -6.62
N LEU A 420 15.00 8.01 -6.51
CA LEU A 420 15.77 8.65 -5.44
C LEU A 420 14.91 9.64 -4.68
N SER A 421 13.60 9.39 -4.63
CA SER A 421 12.65 10.32 -4.04
C SER A 421 12.61 10.17 -2.52
N PHE A 422 12.09 11.21 -1.86
CA PHE A 422 11.95 11.26 -0.41
C PHE A 422 13.29 11.00 0.29
N ASN A 423 14.32 11.70 -0.16
CA ASN A 423 15.66 11.58 0.40
C ASN A 423 16.17 12.96 0.80
N GLY A 424 17.45 13.02 1.17
CA GLY A 424 18.04 14.26 1.58
C GLY A 424 18.71 15.02 0.46
N ALA A 425 20.00 15.26 0.60
CA ALA A 425 20.76 16.08 -0.35
C ALA A 425 21.23 15.22 -1.51
N ILE A 426 20.74 15.51 -2.71
CA ILE A 426 21.18 14.87 -3.94
C ILE A 426 21.91 15.93 -4.77
N ILE A 427 23.24 15.85 -4.79
CA ILE A 427 24.07 16.86 -5.43
C ILE A 427 24.32 16.42 -6.87
N MET A 428 23.75 17.17 -7.82
CA MET A 428 23.95 16.88 -9.23
C MET A 428 25.33 17.38 -9.67
N SER A 429 26.14 16.45 -10.19
CA SER A 429 27.47 16.80 -10.67
C SER A 429 27.83 16.18 -12.01
N ALA A 430 27.01 15.26 -12.53
CA ALA A 430 27.25 14.63 -13.82
C ALA A 430 25.90 14.33 -14.45
N ASN A 431 25.80 14.51 -15.76
CA ASN A 431 24.52 14.34 -16.46
C ASN A 431 24.39 12.97 -17.11
N PHE A 432 24.60 11.93 -16.31
CA PHE A 432 24.18 10.56 -16.59
C PHE A 432 24.91 9.91 -17.77
N MET A 433 26.15 10.30 -18.03
CA MET A 433 26.97 9.55 -18.99
C MET A 433 27.08 8.10 -18.55
N GLY A 434 26.95 7.18 -19.51
CA GLY A 434 26.95 5.77 -19.20
C GLY A 434 25.61 5.18 -18.84
N LEU A 435 24.58 6.01 -18.67
CA LEU A 435 23.26 5.57 -18.20
C LEU A 435 22.16 6.03 -19.14
N GLU A 436 22.40 6.03 -20.45
CA GLU A 436 21.42 6.56 -21.39
C GLU A 436 20.24 5.62 -21.65
N GLU A 437 20.22 4.44 -21.03
CA GLU A 437 19.05 3.57 -21.11
C GLU A 437 17.97 3.95 -20.10
N LEU A 438 18.22 4.97 -19.28
CA LEU A 438 17.30 5.32 -18.21
C LEU A 438 15.96 5.80 -18.76
N GLN A 439 14.88 5.14 -18.33
CA GLN A 439 13.53 5.47 -18.75
C GLN A 439 12.72 6.20 -17.69
N HIS A 440 12.99 5.96 -16.41
CA HIS A 440 12.18 6.47 -15.31
C HIS A 440 13.11 7.09 -14.27
N LEU A 441 12.85 8.35 -13.92
CA LEU A 441 13.69 9.09 -12.99
C LEU A 441 12.80 9.90 -12.05
N ASP A 442 12.94 9.66 -10.74
CA ASP A 442 12.06 10.24 -9.73
C ASP A 442 12.91 10.86 -8.63
N PHE A 443 12.81 12.18 -8.46
CA PHE A 443 13.47 12.89 -7.38
C PHE A 443 12.52 13.48 -6.35
N GLN A 444 11.23 13.13 -6.43
CA GLN A 444 10.18 13.76 -5.63
C GLN A 444 10.56 13.92 -4.18
N HIS A 445 10.45 15.16 -3.67
CA HIS A 445 10.63 15.56 -2.28
C HIS A 445 12.07 15.41 -1.78
N SER A 446 13.01 14.99 -2.61
CA SER A 446 14.41 15.10 -2.22
C SER A 446 14.87 16.54 -2.40
N THR A 447 16.01 16.87 -1.82
CA THR A 447 16.59 18.21 -1.94
C THR A 447 17.60 18.16 -3.09
N LEU A 448 17.12 18.46 -4.30
CA LEU A 448 17.97 18.54 -5.47
C LEU A 448 18.85 19.78 -5.39
N LYS A 449 20.16 19.59 -5.54
CA LYS A 449 21.12 20.68 -5.46
C LYS A 449 21.92 20.77 -6.77
N ARG A 450 22.03 21.98 -7.29
CA ARG A 450 22.85 22.33 -8.46
C ARG A 450 22.34 21.71 -9.76
N VAL A 451 21.05 21.35 -9.82
CA VAL A 451 20.49 20.79 -11.04
C VAL A 451 20.30 21.84 -12.12
N THR A 452 20.35 23.12 -11.75
CA THR A 452 20.09 24.20 -12.69
C THR A 452 21.38 24.88 -13.18
N GLU A 453 22.54 24.34 -12.81
CA GLU A 453 23.83 24.93 -13.18
C GLU A 453 24.45 24.26 -14.39
N PHE A 454 23.74 23.34 -15.02
CA PHE A 454 24.14 22.73 -16.30
C PHE A 454 22.94 21.93 -16.80
N SER A 455 23.09 21.32 -17.97
CA SER A 455 22.06 20.45 -18.53
C SER A 455 22.20 19.11 -17.84
N ALA A 456 21.53 18.98 -16.69
CA ALA A 456 21.77 17.83 -15.82
C ALA A 456 21.21 16.53 -16.40
N PHE A 457 20.39 16.59 -17.44
CA PHE A 457 19.76 15.40 -18.01
C PHE A 457 20.09 15.21 -19.49
N LEU A 458 21.18 15.81 -19.97
CA LEU A 458 21.45 15.85 -21.40
C LEU A 458 21.62 14.45 -22.00
N SER A 459 22.13 13.49 -21.23
CA SER A 459 22.36 12.16 -21.76
C SER A 459 21.08 11.34 -21.90
N LEU A 460 20.01 11.73 -21.21
CA LEU A 460 18.84 10.87 -21.01
C LEU A 460 17.84 11.03 -22.17
N GLU A 461 18.27 10.55 -23.33
CA GLU A 461 17.47 10.68 -24.54
C GLU A 461 16.39 9.61 -24.66
N LYS A 462 16.32 8.66 -23.72
CA LYS A 462 15.24 7.68 -23.68
C LYS A 462 14.34 7.86 -22.47
N LEU A 463 14.55 8.93 -21.70
CA LEU A 463 13.80 9.14 -20.47
C LEU A 463 12.35 9.46 -20.80
N LEU A 464 11.42 8.73 -20.17
CA LEU A 464 9.99 8.92 -20.36
C LEU A 464 9.33 9.68 -19.23
N TYR A 465 9.87 9.57 -18.02
CA TYR A 465 9.19 10.02 -16.81
C TYR A 465 10.21 10.72 -15.92
N LEU A 466 9.96 11.99 -15.61
CA LEU A 466 10.80 12.76 -14.71
C LEU A 466 9.93 13.45 -13.68
N ASP A 467 10.25 13.26 -12.40
CA ASP A 467 9.56 13.92 -11.30
C ASP A 467 10.60 14.63 -10.44
N ILE A 468 10.58 15.95 -10.46
CA ILE A 468 11.43 16.76 -9.60
C ILE A 468 10.54 17.64 -8.74
N SER A 469 9.32 17.16 -8.45
CA SER A 469 8.37 17.94 -7.68
C SER A 469 8.85 18.10 -6.25
N TYR A 470 8.63 19.30 -5.69
CA TYR A 470 8.92 19.60 -4.29
C TYR A 470 10.37 19.29 -3.94
N THR A 471 11.26 19.63 -4.86
CA THR A 471 12.70 19.52 -4.63
C THR A 471 13.33 20.85 -4.24
N ASN A 472 12.52 21.90 -4.05
CA ASN A 472 13.02 23.25 -3.79
C ASN A 472 14.01 23.69 -4.86
N THR A 473 13.67 23.40 -6.11
CA THR A 473 14.47 23.80 -7.26
C THR A 473 13.98 25.16 -7.76
N LYS A 474 14.92 26.09 -7.92
CA LYS A 474 14.62 27.40 -8.50
C LYS A 474 15.18 27.40 -9.91
N ILE A 475 14.29 27.21 -10.89
CA ILE A 475 14.72 27.13 -12.28
C ILE A 475 15.27 28.47 -12.72
N ASP A 476 16.53 28.47 -13.19
CA ASP A 476 17.21 29.68 -13.62
C ASP A 476 18.05 29.43 -14.86
N PHE A 477 17.82 28.32 -15.56
CA PHE A 477 18.58 27.97 -16.76
C PHE A 477 17.61 27.41 -17.79
N ASP A 478 17.50 28.10 -18.92
CA ASP A 478 16.57 27.65 -19.97
C ASP A 478 16.96 26.29 -20.54
N GLY A 479 18.24 25.91 -20.45
CA GLY A 479 18.68 24.62 -20.94
C GLY A 479 18.59 23.48 -19.94
N ILE A 480 17.78 23.63 -18.89
CA ILE A 480 17.77 22.62 -17.82
C ILE A 480 17.27 21.28 -18.33
N PHE A 481 16.45 21.27 -19.37
CA PHE A 481 15.83 20.05 -19.90
C PHE A 481 16.34 19.68 -21.28
N LEU A 482 17.48 20.23 -21.69
CA LEU A 482 18.09 19.82 -22.95
C LEU A 482 18.33 18.32 -22.95
N GLY A 483 18.00 17.68 -24.09
CA GLY A 483 18.22 16.26 -24.27
C GLY A 483 17.01 15.38 -23.98
N LEU A 484 15.98 15.93 -23.36
CA LEU A 484 14.83 15.14 -22.91
C LEU A 484 13.76 15.08 -24.00
N THR A 485 14.18 14.56 -25.16
CA THR A 485 13.32 14.52 -26.33
C THR A 485 12.32 13.37 -26.31
N SER A 486 12.52 12.38 -25.44
CA SER A 486 11.59 11.27 -25.28
C SER A 486 10.66 11.47 -24.09
N LEU A 487 10.80 12.59 -23.37
CA LEU A 487 10.06 12.79 -22.14
C LEU A 487 8.57 12.97 -22.41
N ASN A 488 7.75 12.15 -21.76
CA ASN A 488 6.30 12.25 -21.85
C ASN A 488 5.65 12.82 -20.59
N THR A 489 6.21 12.52 -19.41
CA THR A 489 5.65 12.93 -18.14
C THR A 489 6.67 13.77 -17.39
N LEU A 490 6.31 15.02 -17.11
CA LEU A 490 7.15 15.92 -16.34
C LEU A 490 6.35 16.45 -15.15
N LYS A 491 6.72 15.99 -13.96
CA LYS A 491 6.14 16.47 -12.71
C LYS A 491 7.17 17.36 -12.02
N MET A 492 6.86 18.66 -11.92
CA MET A 492 7.78 19.62 -11.29
C MET A 492 7.03 20.61 -10.42
N ALA A 493 5.96 20.16 -9.76
CA ALA A 493 5.19 21.02 -8.88
C ALA A 493 6.00 21.39 -7.64
N GLY A 494 5.57 22.47 -6.99
CA GLY A 494 6.18 22.88 -5.74
C GLY A 494 7.54 23.53 -5.85
N ASN A 495 7.97 23.90 -7.05
CA ASN A 495 9.25 24.57 -7.23
C ASN A 495 9.03 26.06 -7.48
N SER A 496 9.96 26.70 -8.19
CA SER A 496 9.80 28.12 -8.53
C SER A 496 10.76 28.45 -9.66
N PHE A 497 10.59 29.66 -10.21
CA PHE A 497 11.37 30.14 -11.35
C PHE A 497 11.96 31.51 -11.03
N LYS A 498 13.06 31.83 -11.70
CA LYS A 498 13.66 33.14 -11.57
C LYS A 498 12.66 34.23 -11.99
N ASP A 499 12.55 35.26 -11.16
CA ASP A 499 11.61 36.37 -11.38
C ASP A 499 10.16 35.90 -11.48
N ASN A 500 9.90 34.67 -11.02
CA ASN A 500 8.58 34.06 -11.07
C ASN A 500 7.99 34.06 -12.48
N THR A 501 8.86 33.94 -13.48
CA THR A 501 8.45 33.90 -14.87
C THR A 501 8.74 32.50 -15.41
N LEU A 502 7.72 31.88 -16.00
CA LEU A 502 7.89 30.59 -16.66
C LEU A 502 8.69 30.81 -17.93
N SER A 503 9.92 30.29 -17.97
CA SER A 503 10.84 30.54 -19.07
C SER A 503 10.77 29.42 -20.10
N ASN A 504 11.58 29.57 -21.16
CA ASN A 504 11.52 28.69 -22.34
C ASN A 504 12.37 27.43 -22.09
N VAL A 505 11.88 26.59 -21.18
CA VAL A 505 12.59 25.37 -20.81
C VAL A 505 12.06 24.13 -21.52
N PHE A 506 11.00 24.25 -22.32
CA PHE A 506 10.33 23.11 -22.94
C PHE A 506 10.60 23.01 -24.44
N ALA A 507 11.69 23.60 -24.93
CA ALA A 507 11.93 23.65 -26.37
C ALA A 507 12.24 22.27 -26.93
N ASN A 508 12.99 21.46 -26.17
CA ASN A 508 13.36 20.12 -26.64
C ASN A 508 12.35 19.04 -26.25
N THR A 509 11.48 19.30 -25.28
CA THR A 509 10.55 18.27 -24.79
C THR A 509 9.31 18.23 -25.66
N THR A 510 9.54 17.95 -26.94
CA THR A 510 8.52 17.99 -27.99
C THR A 510 7.45 16.90 -27.82
N ASN A 511 7.71 15.88 -27.02
CA ASN A 511 6.77 14.76 -26.87
C ASN A 511 6.13 14.72 -25.49
N LEU A 512 6.22 15.81 -24.72
CA LEU A 512 5.49 15.90 -23.45
C LEU A 512 4.00 15.68 -23.68
N THR A 513 3.39 14.85 -22.84
CA THR A 513 1.95 14.69 -22.81
C THR A 513 1.34 15.08 -21.47
N PHE A 514 2.16 15.26 -20.44
CA PHE A 514 1.70 15.55 -19.09
C PHE A 514 2.69 16.53 -18.47
N LEU A 515 2.22 17.72 -18.11
CA LEU A 515 3.07 18.76 -17.54
C LEU A 515 2.38 19.35 -16.31
N ASP A 516 3.01 19.18 -15.14
CA ASP A 516 2.45 19.64 -13.87
C ASP A 516 3.32 20.77 -13.36
N LEU A 517 2.82 22.01 -13.44
CA LEU A 517 3.52 23.18 -12.97
C LEU A 517 2.83 23.85 -11.79
N SER A 518 2.05 23.09 -11.02
CA SER A 518 1.29 23.66 -9.92
C SER A 518 2.21 24.05 -8.77
N LYS A 519 1.76 25.05 -8.00
CA LYS A 519 2.46 25.51 -6.80
C LYS A 519 3.90 25.93 -7.10
N CYS A 520 4.09 26.59 -8.24
CA CYS A 520 5.42 27.05 -8.65
C CYS A 520 5.58 28.56 -8.49
N GLN A 521 4.66 29.22 -7.79
CA GLN A 521 4.75 30.65 -7.50
C GLN A 521 4.92 31.48 -8.78
N LEU A 522 4.41 30.95 -9.89
CA LEU A 522 4.48 31.64 -11.17
C LEU A 522 3.58 32.86 -11.17
N GLU A 523 4.07 33.95 -11.75
CA GLU A 523 3.29 35.16 -11.92
C GLU A 523 3.02 35.51 -13.38
N GLN A 524 3.84 35.02 -14.30
CA GLN A 524 3.67 35.30 -15.72
C GLN A 524 4.46 34.28 -16.51
N ILE A 525 4.17 34.22 -17.81
CA ILE A 525 4.72 33.22 -18.72
C ILE A 525 5.40 33.94 -19.88
N SER A 526 6.62 33.52 -20.19
CA SER A 526 7.35 34.11 -21.30
C SER A 526 6.68 33.74 -22.63
N TRP A 527 7.08 34.45 -23.68
CA TRP A 527 6.48 34.24 -24.98
C TRP A 527 7.00 32.95 -25.62
N GLY A 528 6.10 32.15 -26.18
CA GLY A 528 6.46 30.97 -26.94
C GLY A 528 6.80 29.75 -26.13
N VAL A 529 6.47 29.72 -24.83
CA VAL A 529 6.90 28.63 -23.98
C VAL A 529 6.27 27.30 -24.37
N PHE A 530 5.06 27.34 -24.95
CA PHE A 530 4.30 26.13 -25.27
C PHE A 530 4.19 25.85 -26.77
N ASP A 531 4.82 26.66 -27.62
CA ASP A 531 4.64 26.50 -29.06
C ASP A 531 5.18 25.18 -29.60
N THR A 532 5.94 24.43 -28.81
CA THR A 532 6.51 23.16 -29.25
C THR A 532 5.66 21.95 -28.84
N LEU A 533 4.81 22.10 -27.82
CA LEU A 533 4.15 20.96 -27.18
C LEU A 533 2.83 20.59 -27.88
N HIS A 534 2.97 20.18 -29.14
CA HIS A 534 1.81 19.82 -29.94
C HIS A 534 1.09 18.59 -29.42
N ARG A 535 1.75 17.74 -28.64
CA ARG A 535 1.16 16.51 -28.14
C ARG A 535 0.80 16.59 -26.66
N LEU A 536 0.98 17.72 -26.01
CA LEU A 536 0.62 17.86 -24.61
C LEU A 536 -0.87 17.66 -24.42
N GLN A 537 -1.23 16.77 -23.50
CA GLN A 537 -2.63 16.49 -23.18
C GLN A 537 -3.09 17.10 -21.87
N LEU A 538 -2.19 17.28 -20.91
CA LEU A 538 -2.53 17.92 -19.65
C LEU A 538 -1.52 19.03 -19.35
N LEU A 539 -2.04 20.15 -18.85
CA LEU A 539 -1.22 21.27 -18.42
C LEU A 539 -1.81 21.82 -17.12
N ASN A 540 -1.13 21.57 -15.99
CA ASN A 540 -1.60 22.01 -14.68
C ASN A 540 -0.75 23.19 -14.23
N MET A 541 -1.36 24.38 -14.21
CA MET A 541 -0.74 25.58 -13.66
C MET A 541 -1.60 26.16 -12.54
N SER A 542 -2.32 25.31 -11.82
CA SER A 542 -3.12 25.75 -10.70
C SER A 542 -2.25 26.08 -9.50
N HIS A 543 -2.81 26.86 -8.59
CA HIS A 543 -2.14 27.23 -7.33
C HIS A 543 -0.83 27.97 -7.59
N ASN A 544 -0.83 28.84 -8.60
CA ASN A 544 0.23 29.82 -8.82
C ASN A 544 -0.33 31.22 -8.57
N ASN A 545 0.41 32.23 -9.01
CA ASN A 545 0.03 33.64 -8.82
C ASN A 545 -0.05 34.36 -10.16
N LEU A 546 -0.62 33.70 -11.17
CA LEU A 546 -0.73 34.29 -12.50
C LEU A 546 -1.61 35.54 -12.45
N LEU A 547 -1.08 36.64 -12.96
CA LEU A 547 -1.78 37.92 -12.99
C LEU A 547 -2.47 38.19 -14.32
N PHE A 548 -1.89 37.74 -15.42
CA PHE A 548 -2.50 37.82 -16.73
C PHE A 548 -2.07 36.60 -17.53
N LEU A 549 -2.86 36.28 -18.55
CA LEU A 549 -2.47 35.31 -19.56
C LEU A 549 -2.28 36.04 -20.89
N ASP A 550 -1.50 35.41 -21.77
CA ASP A 550 -1.33 35.88 -23.13
C ASP A 550 -1.99 34.89 -24.08
N SER A 551 -2.62 35.43 -25.14
CA SER A 551 -3.38 34.58 -26.06
C SER A 551 -2.47 33.74 -26.94
N SER A 552 -1.18 34.09 -27.05
CA SER A 552 -0.29 33.39 -27.96
C SER A 552 0.21 32.06 -27.42
N HIS A 553 0.20 31.87 -26.10
CA HIS A 553 0.76 30.68 -25.48
C HIS A 553 -0.05 29.42 -25.75
N TYR A 554 -1.27 29.54 -26.26
CA TYR A 554 -2.18 28.39 -26.37
C TYR A 554 -2.62 28.12 -27.81
N ASN A 555 -1.93 28.70 -28.79
CA ASN A 555 -2.32 28.55 -30.19
C ASN A 555 -1.81 27.27 -30.83
N GLN A 556 -0.95 26.49 -30.14
CA GLN A 556 -0.36 25.28 -30.71
C GLN A 556 -0.49 24.10 -29.76
N LEU A 557 -1.39 24.17 -28.78
CA LEU A 557 -1.68 23.03 -27.91
C LEU A 557 -2.77 22.18 -28.58
N TYR A 558 -2.40 21.57 -29.70
CA TYR A 558 -3.37 20.86 -30.53
C TYR A 558 -4.00 19.68 -29.80
N SER A 559 -3.26 19.05 -28.89
CA SER A 559 -3.71 17.85 -28.22
C SER A 559 -4.26 18.12 -26.83
N LEU A 560 -4.25 19.37 -26.38
CA LEU A 560 -4.55 19.67 -24.99
C LEU A 560 -5.99 19.30 -24.65
N LYS A 561 -6.13 18.38 -23.69
CA LYS A 561 -7.44 17.96 -23.21
C LYS A 561 -7.83 18.60 -21.88
N GLU A 562 -6.86 18.88 -21.01
CA GLU A 562 -7.14 19.34 -19.66
C GLU A 562 -6.22 20.50 -19.32
N LEU A 563 -6.82 21.61 -18.89
CA LEU A 563 -6.10 22.84 -18.59
C LEU A 563 -6.55 23.34 -17.22
N ALA A 564 -5.67 23.28 -16.23
CA ALA A 564 -5.96 23.71 -14.87
C ALA A 564 -5.37 25.10 -14.65
N LEU A 565 -6.26 26.09 -14.46
CA LEU A 565 -5.84 27.46 -14.21
C LEU A 565 -6.46 28.03 -12.94
N ASP A 566 -7.11 27.18 -12.13
CA ASP A 566 -7.75 27.65 -10.91
C ASP A 566 -6.72 28.16 -9.91
N THR A 567 -7.21 28.89 -8.91
CA THR A 567 -6.42 29.30 -7.75
C THR A 567 -5.19 30.09 -8.16
N ASN A 568 -5.42 31.12 -8.98
CA ASN A 568 -4.37 32.08 -9.29
C ASN A 568 -4.83 33.48 -8.89
N GLN A 569 -4.28 34.51 -9.53
CA GLN A 569 -4.70 35.89 -9.30
C GLN A 569 -5.32 36.49 -10.55
N LEU A 570 -5.86 35.63 -11.43
CA LEU A 570 -6.38 36.08 -12.71
C LEU A 570 -7.66 36.89 -12.54
N LYS A 571 -7.76 37.97 -13.31
CA LYS A 571 -8.94 38.82 -13.33
C LYS A 571 -9.58 38.92 -14.71
N SER A 572 -8.88 38.51 -15.76
CA SER A 572 -9.39 38.60 -17.13
C SER A 572 -8.51 37.73 -18.01
N VAL A 573 -9.02 37.44 -19.21
CA VAL A 573 -8.24 36.74 -20.23
C VAL A 573 -8.32 37.55 -21.52
N PRO A 574 -7.33 37.47 -22.40
CA PRO A 574 -7.47 38.12 -23.71
C PRO A 574 -8.56 37.44 -24.51
N ASP A 575 -9.18 38.22 -25.40
CA ASP A 575 -10.24 37.67 -26.24
C ASP A 575 -9.69 36.57 -27.13
N GLY A 576 -10.43 35.45 -27.20
CA GLY A 576 -10.08 34.35 -28.08
C GLY A 576 -8.95 33.47 -27.61
N ILE A 577 -8.55 33.54 -26.34
CA ILE A 577 -7.39 32.79 -25.89
C ILE A 577 -7.63 31.29 -25.96
N PHE A 578 -8.88 30.87 -25.77
CA PHE A 578 -9.25 29.46 -25.79
C PHE A 578 -9.72 28.99 -27.16
N ASP A 579 -9.63 29.84 -28.20
CA ASP A 579 -10.28 29.55 -29.47
C ASP A 579 -9.65 28.36 -30.18
N ARG A 580 -8.34 28.19 -30.09
CA ARG A 580 -7.63 27.15 -30.82
C ARG A 580 -7.41 25.88 -30.00
N LEU A 581 -7.96 25.81 -28.79
CA LEU A 581 -7.88 24.61 -27.95
C LEU A 581 -8.94 23.59 -28.40
N THR A 582 -8.76 23.10 -29.63
CA THR A 582 -9.76 22.27 -30.30
C THR A 582 -9.96 20.90 -29.67
N SER A 583 -9.04 20.47 -28.80
CA SER A 583 -9.16 19.17 -28.16
C SER A 583 -9.61 19.27 -26.71
N LEU A 584 -9.94 20.47 -26.23
CA LEU A 584 -10.17 20.66 -24.81
C LEU A 584 -11.41 19.92 -24.35
N GLN A 585 -11.29 19.27 -23.19
CA GLN A 585 -12.39 18.55 -22.56
C GLN A 585 -12.66 18.99 -21.12
N LYS A 586 -11.66 19.49 -20.42
CA LYS A 586 -11.82 19.97 -19.04
C LYS A 586 -10.99 21.22 -18.83
N ILE A 587 -11.57 22.20 -18.13
CA ILE A 587 -10.85 23.42 -17.75
C ILE A 587 -11.26 23.81 -16.34
N TRP A 588 -10.28 24.19 -15.52
CA TRP A 588 -10.49 24.68 -14.17
C TRP A 588 -10.19 26.16 -14.16
N LEU A 589 -11.17 26.98 -13.78
CA LEU A 589 -10.98 28.43 -13.72
C LEU A 589 -11.46 29.05 -12.42
N HIS A 590 -11.95 28.25 -11.47
CA HIS A 590 -12.48 28.78 -10.22
C HIS A 590 -11.37 29.37 -9.36
N THR A 591 -11.77 29.94 -8.21
CA THR A 591 -10.85 30.52 -7.24
C THR A 591 -9.93 31.55 -7.89
N ASN A 592 -10.52 32.41 -8.69
CA ASN A 592 -9.84 33.56 -9.29
C ASN A 592 -10.72 34.79 -9.13
N PRO A 593 -10.11 35.95 -8.85
CA PRO A 593 -10.90 37.19 -8.69
C PRO A 593 -11.31 37.80 -10.02
N TRP A 594 -12.30 37.20 -10.66
CA TRP A 594 -12.70 37.61 -12.00
C TRP A 594 -13.42 38.96 -11.99
N ASP A 595 -13.04 39.83 -12.91
CA ASP A 595 -13.66 41.14 -13.09
C ASP A 595 -14.83 40.97 -14.05
N CYS A 596 -16.04 41.00 -13.51
CA CYS A 596 -17.24 40.77 -14.31
C CYS A 596 -17.92 42.08 -14.70
N SER A 597 -17.17 42.98 -15.34
CA SER A 597 -17.72 44.21 -15.88
C SER A 597 -17.76 44.12 -17.39
N CYS A 598 -18.80 44.70 -17.98
CA CYS A 598 -18.89 44.62 -19.44
C CYS A 598 -18.24 45.84 -20.09
N PRO A 599 -17.64 45.70 -21.28
CA PRO A 599 -17.57 44.49 -22.10
C PRO A 599 -16.38 43.59 -21.83
N ARG A 600 -15.76 43.71 -20.65
CA ARG A 600 -14.51 43.00 -20.39
C ARG A 600 -14.75 41.50 -20.23
N ILE A 601 -15.77 41.11 -19.47
CA ILE A 601 -16.01 39.70 -19.15
C ILE A 601 -16.82 39.05 -20.27
N ASP A 602 -16.97 39.76 -21.39
CA ASP A 602 -17.88 39.32 -22.44
C ASP A 602 -17.41 38.01 -23.07
N TYR A 603 -16.16 37.95 -23.53
CA TYR A 603 -15.67 36.74 -24.16
C TYR A 603 -15.73 35.56 -23.21
N LEU A 604 -15.26 35.75 -21.97
CA LEU A 604 -15.15 34.64 -21.03
C LEU A 604 -16.53 34.11 -20.64
N SER A 605 -17.48 35.01 -20.36
CA SER A 605 -18.81 34.58 -19.94
C SER A 605 -19.52 33.83 -21.06
N ARG A 606 -19.47 34.35 -22.28
CA ARG A 606 -20.08 33.66 -23.41
C ARG A 606 -19.37 32.34 -23.69
N TRP A 607 -18.04 32.31 -23.55
CA TRP A 607 -17.30 31.08 -23.80
C TRP A 607 -17.60 30.04 -22.73
N LEU A 608 -17.59 30.46 -21.46
CA LEU A 608 -17.89 29.52 -20.38
C LEU A 608 -19.32 29.01 -20.46
N ASN A 609 -20.24 29.82 -20.99
CA ASN A 609 -21.62 29.36 -21.16
C ASN A 609 -21.72 28.34 -22.28
N LYS A 610 -21.14 28.65 -23.45
CA LYS A 610 -21.21 27.74 -24.58
C LYS A 610 -20.47 26.43 -24.30
N ASN A 611 -19.43 26.47 -23.47
CA ASN A 611 -18.62 25.31 -23.14
C ASN A 611 -18.78 24.91 -21.68
N SER A 612 -20.00 25.03 -21.15
CA SER A 612 -20.24 24.77 -19.73
C SER A 612 -20.02 23.31 -19.35
N GLN A 613 -20.05 22.38 -20.31
CA GLN A 613 -19.78 20.99 -19.96
C GLN A 613 -18.32 20.77 -19.64
N LYS A 614 -17.44 21.65 -20.12
CA LYS A 614 -16.01 21.47 -19.92
C LYS A 614 -15.52 22.07 -18.61
N GLU A 615 -16.17 23.13 -18.14
CA GLU A 615 -15.72 23.78 -16.92
C GLU A 615 -15.90 22.88 -15.71
N GLN A 616 -14.84 22.74 -14.92
CA GLN A 616 -14.88 21.99 -13.67
C GLN A 616 -14.89 22.99 -12.51
N GLY A 617 -15.88 22.86 -11.64
CA GLY A 617 -16.08 23.88 -10.64
C GLY A 617 -16.78 25.08 -11.23
N SER A 618 -16.70 26.20 -10.52
CA SER A 618 -17.42 27.41 -10.91
C SER A 618 -16.52 28.62 -10.71
N ALA A 619 -16.13 29.24 -11.81
CA ALA A 619 -15.53 30.57 -11.77
C ALA A 619 -16.61 31.57 -11.40
N LYS A 620 -16.48 32.18 -10.23
CA LYS A 620 -17.50 33.10 -9.71
C LYS A 620 -16.94 34.50 -9.62
N CYS A 621 -17.80 35.48 -9.82
CA CYS A 621 -17.37 36.87 -9.87
C CYS A 621 -16.97 37.37 -8.49
N SER A 622 -15.96 38.22 -8.45
CA SER A 622 -15.56 38.89 -7.23
C SER A 622 -16.68 39.79 -6.73
N GLY A 625 -20.24 36.35 -6.73
CA GLY A 625 -20.61 34.97 -6.44
C GLY A 625 -21.34 34.30 -7.58
N LYS A 626 -21.90 35.10 -8.47
CA LYS A 626 -22.56 34.54 -9.65
C LYS A 626 -21.51 33.90 -10.55
N PRO A 627 -21.77 32.71 -11.07
CA PRO A 627 -20.81 32.09 -12.01
C PRO A 627 -20.58 33.01 -13.20
N VAL A 628 -19.30 33.09 -13.63
CA VAL A 628 -18.98 33.88 -14.81
C VAL A 628 -19.77 33.37 -16.01
N ARG A 629 -20.05 32.08 -16.05
CA ARG A 629 -20.86 31.50 -17.12
C ARG A 629 -22.30 32.02 -17.14
N SER A 630 -22.74 32.74 -16.10
CA SER A 630 -24.10 33.25 -16.08
C SER A 630 -24.12 34.78 -16.13
N ILE A 631 -23.50 35.36 -17.15
CA ILE A 631 -23.42 36.81 -17.30
C ILE A 631 -23.61 37.15 -18.76
N ILE A 632 -24.63 37.94 -19.06
CA ILE A 632 -24.95 38.35 -20.41
C ILE A 632 -24.76 39.86 -20.50
N CYS A 633 -23.66 40.28 -21.12
CA CYS A 633 -23.46 41.68 -21.42
C CYS A 633 -24.53 42.14 -22.42
N PRO A 634 -24.76 43.46 -22.52
CA PRO A 634 -25.77 43.98 -23.47
C PRO A 634 -25.64 43.40 -24.87
N GLN B 44 -13.48 8.02 31.11
CA GLN B 44 -14.82 7.57 30.72
C GLN B 44 -14.79 6.11 30.29
N GLN B 45 -14.09 5.83 29.20
CA GLN B 45 -14.01 4.46 28.72
C GLN B 45 -12.90 3.68 29.44
N TRP B 46 -11.83 4.37 29.82
CA TRP B 46 -10.72 3.81 30.57
C TRP B 46 -9.82 4.96 31.01
N PHE B 47 -9.05 4.73 32.07
CA PHE B 47 -8.05 5.70 32.49
C PHE B 47 -7.04 5.01 33.40
N CYS B 48 -5.89 5.66 33.57
CA CYS B 48 -4.81 5.14 34.42
C CYS B 48 -3.99 6.31 34.97
N ASN B 49 -3.23 6.04 36.02
CA ASN B 49 -2.40 7.04 36.68
C ASN B 49 -0.94 6.66 36.51
N SER B 50 -0.16 7.58 35.97
CA SER B 50 1.29 7.48 35.93
C SER B 50 1.90 8.43 36.96
N SER B 51 3.22 8.32 37.13
CA SER B 51 3.90 9.23 38.05
C SER B 51 3.93 10.66 37.51
N ASP B 52 3.78 10.83 36.19
CA ASP B 52 3.76 12.15 35.59
C ASP B 52 2.64 12.34 34.57
N ALA B 53 1.67 11.42 34.51
CA ALA B 53 0.65 11.51 33.47
C ALA B 53 -0.65 10.88 33.96
N ILE B 54 -1.76 11.50 33.58
CA ILE B 54 -3.09 10.95 33.77
C ILE B 54 -3.72 10.81 32.38
N ILE B 55 -4.03 9.57 32.01
CA ILE B 55 -4.41 9.22 30.65
C ILE B 55 -5.80 8.60 30.68
N SER B 56 -6.68 9.09 29.81
CA SER B 56 -8.04 8.57 29.69
C SER B 56 -8.50 8.75 28.26
N TYR B 57 -9.48 7.94 27.85
CA TYR B 57 -10.07 8.10 26.53
C TYR B 57 -11.55 7.76 26.57
N SER B 58 -12.27 8.32 25.62
CA SER B 58 -13.65 7.99 25.31
C SER B 58 -13.72 7.68 23.82
N TYR B 59 -14.91 7.28 23.36
CA TYR B 59 -15.13 7.20 21.93
C TYR B 59 -15.36 8.59 21.36
N CYS B 60 -15.01 8.77 20.10
CA CYS B 60 -15.29 10.04 19.44
C CYS B 60 -16.79 10.25 19.33
N ASP B 61 -17.18 11.54 19.29
CA ASP B 61 -18.59 11.88 19.21
C ASP B 61 -19.22 11.44 17.90
N HIS B 62 -18.42 11.21 16.85
CA HIS B 62 -18.94 10.87 15.54
C HIS B 62 -18.78 9.40 15.19
N LEU B 63 -18.08 8.61 15.99
CA LEU B 63 -17.86 7.20 15.69
C LEU B 63 -17.67 6.45 17.00
N LYS B 64 -18.51 5.43 17.21
CA LYS B 64 -18.55 4.70 18.48
C LYS B 64 -18.29 3.21 18.31
N PHE B 65 -17.59 2.81 17.25
CA PHE B 65 -17.27 1.40 17.07
C PHE B 65 -16.39 0.93 18.22
N PRO B 66 -16.78 -0.14 18.92
CA PRO B 66 -16.15 -0.44 20.21
C PRO B 66 -14.77 -1.08 20.07
N ILE B 67 -13.95 -0.85 21.10
CA ILE B 67 -12.60 -1.40 21.17
C ILE B 67 -12.09 -1.21 22.59
N SER B 68 -11.41 -2.22 23.12
CA SER B 68 -10.80 -2.18 24.43
C SER B 68 -9.30 -1.98 24.25
N ILE B 69 -8.81 -0.81 24.65
CA ILE B 69 -7.37 -0.52 24.65
C ILE B 69 -6.94 -0.18 26.05
N SER B 70 -5.76 -0.65 26.42
CA SER B 70 -5.11 -0.26 27.67
C SER B 70 -3.61 -0.44 27.50
N SER B 71 -2.85 0.11 28.44
CA SER B 71 -1.41 -0.07 28.46
C SER B 71 -1.00 -0.62 29.82
N GLU B 72 0.07 -1.41 29.81
CA GLU B 72 0.62 -2.00 31.03
C GLU B 72 2.12 -1.83 31.01
N PRO B 73 2.70 -0.98 31.86
CA PRO B 73 1.98 -0.15 32.84
C PRO B 73 1.35 1.09 32.22
N CYS B 74 0.78 1.96 33.05
CA CYS B 74 0.34 3.26 32.56
C CYS B 74 1.54 4.03 32.02
N ILE B 75 1.30 4.83 30.97
CA ILE B 75 2.40 5.46 30.25
C ILE B 75 3.01 6.58 31.09
N ARG B 76 4.30 6.47 31.36
CA ARG B 76 5.09 7.55 31.95
C ARG B 76 5.75 8.32 30.81
N LEU B 77 5.36 9.59 30.64
CA LEU B 77 5.89 10.39 29.53
C LEU B 77 7.40 10.58 29.61
N ARG B 78 8.00 10.43 30.80
CA ARG B 78 9.45 10.42 30.90
C ARG B 78 10.05 9.25 30.13
N GLY B 79 9.35 8.12 30.09
CA GLY B 79 9.84 6.93 29.43
C GLY B 79 9.13 5.69 29.92
N THR B 80 8.83 4.76 29.02
CA THR B 80 8.05 3.59 29.39
C THR B 80 8.42 2.41 28.51
N ASN B 81 8.59 1.24 29.13
CA ASN B 81 8.56 -0.04 28.45
C ASN B 81 7.32 -0.79 28.91
N GLY B 82 6.48 -1.20 27.96
CA GLY B 82 5.27 -1.89 28.34
C GLY B 82 4.59 -2.54 27.15
N PHE B 83 3.30 -2.81 27.35
CA PHE B 83 2.46 -3.45 26.35
C PHE B 83 1.18 -2.65 26.17
N VAL B 84 0.73 -2.56 24.92
CA VAL B 84 -0.60 -2.06 24.60
C VAL B 84 -1.47 -3.28 24.34
N HIS B 85 -2.44 -3.52 25.21
CA HIS B 85 -3.37 -4.63 25.06
C HIS B 85 -4.56 -4.16 24.24
N VAL B 86 -4.86 -4.86 23.16
CA VAL B 86 -5.95 -4.51 22.27
C VAL B 86 -6.85 -5.73 22.10
N GLU B 87 -8.15 -5.54 22.31
CA GLU B 87 -9.14 -6.58 22.06
C GLU B 87 -10.36 -5.93 21.44
N PHE B 88 -10.66 -6.28 20.19
CA PHE B 88 -11.84 -5.75 19.51
C PHE B 88 -12.11 -6.60 18.27
N ILE B 89 -13.26 -6.33 17.65
CA ILE B 89 -13.68 -6.95 16.41
C ILE B 89 -13.72 -5.85 15.34
N PRO B 90 -12.74 -5.80 14.44
CA PRO B 90 -12.68 -4.68 13.48
C PRO B 90 -13.82 -4.69 12.48
N ARG B 91 -14.19 -3.48 12.05
CA ARG B 91 -15.23 -3.27 11.06
C ARG B 91 -14.68 -3.30 9.64
N GLY B 92 -13.42 -3.67 9.46
CA GLY B 92 -12.82 -3.83 8.16
C GLY B 92 -11.52 -4.61 8.31
N ASN B 93 -10.97 -5.02 7.17
CA ASN B 93 -9.67 -5.66 7.19
C ASN B 93 -8.61 -4.69 7.68
N LEU B 94 -7.60 -5.23 8.36
CA LEU B 94 -6.52 -4.44 8.91
C LEU B 94 -5.26 -4.50 8.06
N LYS B 95 -5.35 -4.97 6.82
CA LYS B 95 -4.18 -5.17 5.97
C LYS B 95 -3.42 -3.87 5.75
N TYR B 96 -4.11 -2.74 5.71
CA TYR B 96 -3.51 -1.43 5.49
C TYR B 96 -3.89 -0.46 6.60
N LEU B 97 -3.92 -0.95 7.84
CA LEU B 97 -4.31 -0.11 8.97
C LEU B 97 -3.30 1.02 9.17
N TYR B 98 -3.81 2.24 9.26
CA TYR B 98 -3.02 3.39 9.66
C TYR B 98 -3.87 4.29 10.55
N PHE B 99 -3.22 5.23 11.23
CA PHE B 99 -3.88 6.12 12.17
C PHE B 99 -3.71 7.57 11.73
N ASN B 100 -4.78 8.34 11.87
CA ASN B 100 -4.71 9.79 11.85
C ASN B 100 -4.77 10.27 13.29
N LEU B 101 -3.78 11.06 13.69
CA LEU B 101 -3.70 11.59 15.05
C LEU B 101 -3.85 13.10 15.01
N PHE B 102 -4.88 13.61 15.67
CA PHE B 102 -5.11 15.05 15.80
C PHE B 102 -4.80 15.42 17.24
N ILE B 103 -3.64 16.02 17.45
CA ILE B 103 -3.10 16.28 18.79
C ILE B 103 -3.16 17.79 19.06
N SER B 104 -3.42 18.15 20.31
CA SER B 104 -3.39 19.53 20.76
C SER B 104 -2.79 19.58 22.16
N VAL B 105 -2.03 20.65 22.41
CA VAL B 105 -1.45 20.93 23.72
C VAL B 105 -1.99 22.28 24.17
N ASN B 106 -2.72 22.29 25.27
CA ASN B 106 -3.31 23.51 25.82
C ASN B 106 -4.04 24.29 24.74
N SER B 107 -4.87 23.57 23.98
CA SER B 107 -5.67 24.06 22.86
C SER B 107 -4.85 24.52 21.67
N ILE B 108 -3.53 24.33 21.68
CA ILE B 108 -2.68 24.65 20.53
C ILE B 108 -2.54 23.39 19.69
N GLU B 109 -3.00 23.44 18.45
CA GLU B 109 -3.07 22.26 17.60
C GLU B 109 -1.79 22.07 16.79
N LEU B 110 -1.34 20.84 16.75
CA LEU B 110 -0.27 20.28 15.93
C LEU B 110 -0.85 19.86 14.58
N PRO B 111 -0.05 19.84 13.53
CA PRO B 111 -0.54 19.31 12.26
C PRO B 111 -0.92 17.84 12.39
N LYS B 112 -1.91 17.42 11.59
CA LYS B 112 -2.27 16.02 11.54
C LYS B 112 -1.03 15.18 11.24
N ARG B 113 -0.88 14.08 11.96
CA ARG B 113 0.17 13.12 11.65
C ARG B 113 -0.46 11.78 11.32
N LYS B 114 0.16 11.09 10.37
CA LYS B 114 -0.29 9.79 9.89
C LYS B 114 0.73 8.75 10.31
N GLU B 115 0.27 7.72 11.03
CA GLU B 115 1.14 6.65 11.52
C GLU B 115 0.65 5.34 10.92
N VAL B 116 1.43 4.80 10.00
CA VAL B 116 1.10 3.52 9.36
C VAL B 116 1.57 2.39 10.27
N LEU B 117 0.67 1.45 10.55
CA LEU B 117 1.00 0.25 11.32
C LEU B 117 1.15 -0.98 10.45
N CYS B 118 0.32 -1.11 9.41
CA CYS B 118 0.38 -2.22 8.46
C CYS B 118 0.53 -1.64 7.06
N HIS B 119 1.65 -1.95 6.41
CA HIS B 119 1.94 -1.44 5.07
C HIS B 119 1.36 -2.30 3.95
N GLY B 120 0.92 -3.52 4.27
CA GLY B 120 0.37 -4.43 3.28
C GLY B 120 1.35 -5.46 2.75
N HIS B 121 2.55 -5.52 3.31
CA HIS B 121 3.58 -6.42 2.79
C HIS B 121 4.54 -6.75 3.92
N ASP B 122 4.55 -8.03 4.34
CA ASP B 122 5.48 -8.54 5.36
C ASP B 122 5.49 -7.65 6.61
N ASP B 123 4.30 -7.40 7.14
CA ASP B 123 4.18 -6.47 8.25
C ASP B 123 4.61 -7.11 9.57
N ASP B 124 4.97 -6.24 10.52
CA ASP B 124 5.59 -6.67 11.76
C ASP B 124 4.60 -7.28 12.74
N TYR B 125 3.31 -7.03 12.57
CA TYR B 125 2.32 -7.35 13.60
C TYR B 125 1.35 -8.41 13.10
N SER B 126 1.01 -9.34 14.00
CA SER B 126 0.14 -10.45 13.63
C SER B 126 -1.28 -10.02 13.32
N PHE B 127 -1.73 -8.86 13.81
CA PHE B 127 -3.09 -8.42 13.55
C PHE B 127 -3.28 -7.79 12.17
N CYS B 128 -2.20 -7.49 11.45
CA CYS B 128 -2.35 -7.03 10.07
C CYS B 128 -3.06 -8.06 9.20
N ARG B 129 -3.01 -9.33 9.60
CA ARG B 129 -3.72 -10.38 8.87
C ARG B 129 -5.22 -10.40 9.16
N ALA B 130 -5.65 -9.77 10.25
CA ALA B 130 -7.03 -9.91 10.70
C ALA B 130 -8.01 -9.34 9.69
N LEU B 131 -9.17 -10.00 9.56
CA LEU B 131 -10.21 -9.61 8.63
C LEU B 131 -11.34 -8.90 9.37
N LYS B 132 -12.19 -8.23 8.60
CA LYS B 132 -13.41 -7.64 9.14
C LYS B 132 -14.24 -8.72 9.83
N GLY B 133 -14.68 -8.42 11.04
CA GLY B 133 -15.48 -9.35 11.80
C GLY B 133 -14.72 -10.39 12.60
N GLU B 134 -13.39 -10.40 12.50
CA GLU B 134 -12.58 -11.38 13.22
C GLU B 134 -12.15 -10.83 14.56
N THR B 135 -12.21 -11.68 15.59
CA THR B 135 -11.74 -11.30 16.91
C THR B 135 -10.23 -11.05 16.89
N VAL B 136 -9.85 -9.85 17.33
CA VAL B 136 -8.45 -9.48 17.49
C VAL B 136 -8.16 -9.38 18.98
N ASN B 137 -7.11 -10.07 19.42
CA ASN B 137 -6.69 -10.03 20.82
C ASN B 137 -5.17 -10.10 20.82
N THR B 138 -4.50 -8.99 21.14
CA THR B 138 -3.06 -8.92 21.02
C THR B 138 -2.49 -8.00 22.09
N SER B 139 -1.22 -8.22 22.40
CA SER B 139 -0.44 -7.33 23.27
C SER B 139 0.76 -6.85 22.48
N ILE B 140 0.89 -5.53 22.33
CA ILE B 140 1.90 -4.92 21.49
C ILE B 140 2.98 -4.32 22.37
N PRO B 141 4.23 -4.79 22.30
CA PRO B 141 5.30 -4.17 23.08
C PRO B 141 5.66 -2.81 22.53
N PHE B 142 6.03 -1.91 23.44
CA PHE B 142 6.50 -0.59 23.06
C PHE B 142 7.56 -0.14 24.05
N SER B 143 8.39 0.81 23.62
CA SER B 143 9.51 1.30 24.41
C SER B 143 9.90 2.66 23.88
N PHE B 144 9.83 3.69 24.72
CA PHE B 144 10.24 5.03 24.31
C PHE B 144 10.85 5.74 25.51
N GLU B 145 11.51 6.87 25.24
CA GLU B 145 12.40 7.47 26.22
C GLU B 145 12.88 8.82 25.71
N GLY B 146 13.18 9.72 26.64
CA GLY B 146 14.00 10.88 26.35
C GLY B 146 13.45 11.93 25.39
N ILE B 147 12.16 12.21 25.44
CA ILE B 147 11.59 13.42 24.83
C ILE B 147 10.98 14.25 25.93
N LEU B 148 11.37 15.53 25.99
CA LEU B 148 10.76 16.46 26.92
C LEU B 148 9.41 16.93 26.38
N PHE B 149 8.35 16.66 27.14
CA PHE B 149 7.01 17.10 26.81
C PHE B 149 6.63 18.31 27.65
N PRO B 150 6.06 19.35 27.05
CA PRO B 150 5.55 20.47 27.85
C PRO B 150 4.42 20.01 28.77
N LYS B 151 4.40 20.62 29.95
CA LYS B 151 3.33 20.35 30.91
C LYS B 151 2.01 20.90 30.40
N GLY B 152 0.92 20.27 30.84
CA GLY B 152 -0.39 20.80 30.54
C GLY B 152 -1.34 19.74 30.03
N HIS B 153 -2.29 20.20 29.23
CA HIS B 153 -3.49 19.45 28.89
C HIS B 153 -3.43 19.07 27.41
N TYR B 154 -3.32 17.77 27.14
CA TYR B 154 -3.24 17.26 25.78
C TYR B 154 -4.56 16.64 25.36
N ARG B 155 -4.94 16.87 24.11
CA ARG B 155 -6.03 16.14 23.47
C ARG B 155 -5.48 15.44 22.23
N CYS B 156 -5.93 14.21 22.00
CA CYS B 156 -5.49 13.43 20.86
C CYS B 156 -6.64 12.51 20.45
N VAL B 157 -7.32 12.86 19.36
CA VAL B 157 -8.28 11.97 18.73
C VAL B 157 -7.52 11.09 17.76
N ALA B 158 -7.65 9.77 17.92
CA ALA B 158 -6.90 8.79 17.14
C ALA B 158 -7.86 8.04 16.23
N GLU B 159 -7.68 8.20 14.92
CA GLU B 159 -8.64 7.75 13.92
C GLU B 159 -8.02 6.62 13.12
N ALA B 160 -8.51 5.39 13.34
CA ALA B 160 -8.00 4.21 12.66
C ALA B 160 -8.68 4.05 11.31
N ILE B 161 -7.89 3.88 10.25
CA ILE B 161 -8.41 3.86 8.89
C ILE B 161 -7.94 2.59 8.22
N ALA B 162 -8.84 1.93 7.48
CA ALA B 162 -8.48 0.83 6.59
C ALA B 162 -8.04 1.42 5.27
N GLY B 163 -6.73 1.35 4.99
CA GLY B 163 -6.14 2.13 3.93
C GLY B 163 -6.51 1.71 2.52
N ASP B 164 -7.03 0.49 2.36
CA ASP B 164 -7.45 0.07 1.03
C ASP B 164 -8.82 0.61 0.67
N THR B 165 -9.72 0.68 1.64
CA THR B 165 -11.06 1.21 1.44
C THR B 165 -11.23 2.63 1.95
N GLU B 166 -10.26 3.16 2.70
CA GLU B 166 -10.31 4.48 3.31
C GLU B 166 -11.45 4.62 4.31
N GLU B 167 -12.02 3.50 4.77
CA GLU B 167 -13.11 3.55 5.73
C GLU B 167 -12.58 3.61 7.15
N LYS B 168 -13.33 4.29 8.01
CA LYS B 168 -12.89 4.52 9.38
C LYS B 168 -13.25 3.33 10.25
N LEU B 169 -12.22 2.73 10.88
CA LEU B 169 -12.43 1.54 11.68
C LEU B 169 -12.95 1.86 13.08
N PHE B 170 -12.38 2.87 13.72
CA PHE B 170 -12.86 3.39 14.99
C PHE B 170 -12.17 4.73 15.24
N CYS B 171 -12.55 5.39 16.33
CA CYS B 171 -12.04 6.71 16.65
C CYS B 171 -12.03 6.87 18.16
N LEU B 172 -10.87 7.13 18.74
CA LEU B 172 -10.74 7.31 20.19
C LEU B 172 -10.37 8.76 20.49
N ASN B 173 -10.99 9.32 21.54
CA ASN B 173 -10.74 10.68 21.98
C ASN B 173 -9.92 10.60 23.26
N PHE B 174 -8.62 10.85 23.17
CA PHE B 174 -7.72 10.70 24.30
C PHE B 174 -7.53 12.03 25.05
N THR B 175 -7.29 11.90 26.36
CA THR B 175 -6.94 13.04 27.21
C THR B 175 -5.72 12.65 28.02
N ILE B 176 -4.64 13.42 27.89
CA ILE B 176 -3.42 13.21 28.66
C ILE B 176 -3.11 14.51 29.40
N ILE B 177 -2.94 14.41 30.72
CA ILE B 177 -2.57 15.53 31.56
C ILE B 177 -1.17 15.27 32.10
N HIS B 178 -0.21 16.00 31.57
CA HIS B 178 1.20 15.85 31.93
C HIS B 178 1.50 16.68 33.17
N ARG B 179 2.17 16.06 34.15
CA ARG B 179 2.36 16.59 35.51
C ARG B 179 1.10 16.32 36.33
C1 NAG C . 0.89 -20.18 -9.46
C2 NAG C . 1.30 -19.40 -10.67
C3 NAG C . 1.70 -18.01 -10.24
C4 NAG C . 0.51 -17.32 -9.61
C5 NAG C . -0.18 -18.18 -8.52
C6 NAG C . -1.59 -17.76 -8.26
C7 NAG C . 2.17 -20.55 -12.65
C8 NAG C . 0.78 -20.40 -13.21
N2 NAG C . 2.36 -20.06 -11.42
O3 NAG C . 2.17 -17.26 -11.35
O4 NAG C . 0.90 -16.07 -9.06
O5 NAG C . -0.26 -19.58 -8.88
O6 NAG C . -1.68 -16.55 -7.52
O7 NAG C . 3.06 -21.09 -13.28
C1 NAG C . 1.04 -14.68 -9.38
C2 NAG C . 1.28 -13.73 -8.23
C3 NAG C . 0.76 -12.35 -8.59
C4 NAG C . 1.39 -11.86 -9.88
C5 NAG C . 1.21 -12.89 -10.99
C6 NAG C . 1.99 -12.56 -12.24
C7 NAG C . 1.34 -14.97 -6.11
C8 NAG C . 0.56 -15.39 -4.90
N2 NAG C . 0.68 -14.21 -6.99
O3 NAG C . 1.04 -11.43 -7.52
O4 NAG C . 0.79 -10.63 -10.28
O5 NAG C . 1.67 -14.18 -10.56
O6 NAG C . 3.22 -13.27 -12.26
O7 NAG C . 2.51 -15.31 -6.28
C1 NAG D . 5.00 -21.22 22.78
C2 NAG D . 4.74 -20.80 24.19
C3 NAG D . 3.72 -21.74 24.78
C4 NAG D . 2.43 -21.67 23.97
C5 NAG D . 2.65 -21.75 22.45
C6 NAG D . 1.50 -21.13 21.69
C7 NAG D . 6.36 -19.59 25.56
C8 NAG D . 7.61 -19.68 26.38
N2 NAG D . 5.94 -20.73 25.00
O3 NAG D . 3.49 -21.38 26.14
O4 NAG D . 1.56 -22.72 24.37
O5 NAG D . 3.83 -21.05 22.01
O6 NAG D . 1.33 -21.71 20.39
O7 NAG D . 5.76 -18.53 25.38
C1 NAG D . 0.12 -22.66 24.40
C2 NAG D . -0.69 -23.95 24.55
C3 NAG D . -2.16 -23.63 24.83
C4 NAG D . -2.26 -22.71 26.04
C5 NAG D . -1.44 -21.46 25.80
C6 NAG D . -1.43 -20.50 26.96
C7 NAG D . 0.40 -25.68 23.20
C8 NAG D . 0.38 -26.44 21.90
N2 NAG D . -0.57 -24.78 23.36
O3 NAG D . -2.88 -24.84 25.07
O4 NAG D . -3.62 -22.38 26.33
O5 NAG D . -0.07 -21.85 25.57
O6 NAG D . -0.52 -19.43 26.75
O7 NAG D . 1.26 -25.88 24.05
C1 NAG D . -4.56 -22.97 27.28
C2 NAG D . -5.72 -22.45 28.14
C3 NAG D . -6.02 -23.45 29.26
C4 NAG D . -6.27 -24.83 28.68
C5 NAG D . -5.07 -25.26 27.85
C6 NAG D . -5.26 -26.60 27.18
C7 NAG D . -6.35 -20.40 29.33
C8 NAG D . -5.87 -19.06 29.80
N2 NAG D . -5.44 -21.14 28.67
O3 NAG D . -7.16 -23.01 29.99
O4 NAG D . -6.51 -25.75 29.74
O5 NAG D . -4.85 -24.30 26.80
O6 NAG D . -4.01 -27.23 26.91
O7 NAG D . -7.49 -20.80 29.53
C1 NAG E . 16.90 20.09 -29.30
C2 NAG E . 16.36 19.91 -30.72
C3 NAG E . 17.45 20.23 -31.73
C4 NAG E . 17.97 21.65 -31.50
C5 NAG E . 18.43 21.83 -30.05
C6 NAG E . 18.82 23.25 -29.72
C7 NAG E . 14.75 18.07 -30.38
C8 NAG E . 14.38 16.68 -30.76
N2 NAG E . 15.87 18.55 -30.94
O3 NAG E . 16.95 20.09 -33.05
O4 NAG E . 19.05 21.89 -32.38
O5 NAG E . 17.38 21.45 -29.14
O6 NAG E . 20.16 23.36 -29.23
O7 NAG E . 14.08 18.74 -29.61
C1 NAG F . -3.36 20.32 -10.31
C2 NAG F . -4.12 18.99 -10.34
C3 NAG F . -4.88 18.77 -9.02
C4 NAG F . -3.96 18.98 -7.82
C5 NAG F . -3.27 20.34 -7.92
C6 NAG F . -2.31 20.62 -6.80
C7 NAG F . -5.14 17.96 -12.33
C8 NAG F . -4.19 16.82 -12.11
N2 NAG F . -5.05 18.96 -11.45
O3 NAG F . -5.39 17.44 -8.99
O4 NAG F . -4.71 18.94 -6.61
O5 NAG F . -2.53 20.38 -9.14
O6 NAG F . -1.61 19.46 -6.39
O7 NAG F . -5.93 17.98 -13.27
C02 ZKM G . 10.08 6.69 8.05
C03 ZKM G . 8.98 6.02 7.31
C09 ZKM G . 8.86 4.64 7.77
C11 ZKM G . 8.43 4.63 9.23
C12 ZKM G . 8.49 3.24 9.78
C15 ZKM G . 9.63 6.82 9.50
C17 ZKM G . 11.05 6.71 11.38
C18 ZKM G . 10.20 7.19 12.55
C20 ZKM G . 10.59 9.68 12.78
C21 ZKM G . 11.25 10.83 13.56
C22 ZKM G . 10.96 10.59 15.06
C23 ZKM G . 9.50 10.85 15.41
C24 ZKM G . 9.29 12.27 16.00
C25 ZKM G . 8.03 12.34 16.89
C26 ZKM G . 8.18 13.38 18.03
C27 ZKM G . 7.12 13.17 19.13
C28 ZKM G . 5.76 12.76 18.58
C29 ZKM G . 4.66 12.81 19.65
C30 ZKM G . 3.77 14.06 19.48
C31 ZKM G . 3.64 14.85 20.79
C32 ZKM G . 3.98 16.34 20.58
C33 ZKM G . 3.67 17.19 21.81
C34 ZKM G . 3.83 18.69 21.50
C35 ZKM G . 5.14 19.25 22.04
C37 ZKM G . 9.97 6.07 13.54
C39 ZKM G . 8.57 6.24 14.16
C40 ZKM G . 8.18 7.43 14.66
C41 ZKM G . 6.78 7.58 15.28
C42 ZKM G . 6.90 8.04 16.75
C43 ZKM G . 5.76 9.00 17.16
C44 ZKM G . 4.42 8.26 17.40
C45 ZKM G . 3.42 9.12 18.21
C46 ZKM G . 2.40 8.29 19.01
C47 ZKM G . 1.09 9.06 19.24
C48 ZKM G . 0.88 9.46 20.71
C49 ZKM G . 0.41 10.92 20.86
C50 ZKM G . 1.19 11.68 21.94
C51 ZKM G . 0.30 12.60 22.78
C52 ZKM G . 0.65 12.53 24.26
C53 ZKM G . 1.54 13.68 24.70
N19 ZKM G . 10.82 8.31 13.25
O01 ZKM G . 10.32 7.99 7.49
O04 ZKM G . 9.20 6.10 5.86
O06 ZKM G . 7.01 6.30 4.52
O07 ZKM G . 8.83 7.93 4.03
O08 ZKM G . 7.64 8.18 6.03
O10 ZKM G . 10.17 4.01 7.68
O13 ZKM G . 8.51 2.35 8.72
O14 ZKM G . 9.30 5.50 10.08
O16 ZKM G . 10.63 7.43 10.24
O36 ZKM G . 9.89 9.90 11.85
O38 ZKM G . 10.05 4.84 12.88
S05 ZKM G . 8.15 7.10 5.09
C02 ZKM H . 14.05 2.43 19.54
C03 ZKM H . 15.47 2.07 19.29
C09 ZKM H . 15.62 0.75 18.67
C11 ZKM H . 14.80 0.62 17.39
C12 ZKM H . 14.86 -0.79 16.92
C15 ZKM H . 13.18 2.27 18.28
C17 ZKM H . 11.00 2.23 17.53
C18 ZKM H . 10.05 1.05 17.79
C20 ZKM H . 8.62 1.32 15.57
C21 ZKM H . 8.28 2.82 15.71
C22 ZKM H . 6.92 3.17 15.07
C23 ZKM H . 5.78 3.18 16.10
C24 ZKM H . 4.89 4.41 15.90
C25 ZKM H . 3.68 4.09 14.98
C26 ZKM H . 2.37 3.92 15.76
C27 ZKM H . 2.37 4.70 17.10
C28 ZKM H . 1.00 4.71 17.78
C29 ZKM H . -0.13 4.29 16.83
C30 ZKM H . -1.41 5.12 17.04
C31 ZKM H . -1.52 5.70 18.45
C32 ZKM H . -2.92 5.47 19.06
C33 ZKM H . -2.95 4.28 20.02
C34 ZKM H . -4.34 4.02 20.59
C35 ZKM H . -5.44 4.20 19.54
C37 ZKM H . 9.00 1.41 18.83
C39 ZKM H . 7.81 0.44 18.72
C40 ZKM H . 6.60 0.84 19.14
C41 ZKM H . 5.39 -0.12 19.04
C42 ZKM H . 4.11 0.70 19.29
C43 ZKM H . 3.28 0.87 18.01
C44 ZKM H . 1.79 0.47 18.20
C45 ZKM H . 1.31 0.68 19.66
C46 ZKM H . -0.21 0.95 19.70
C47 ZKM H . -0.95 0.11 18.66
C48 ZKM H . -2.32 0.68 18.26
C49 ZKM H . -3.44 0.18 19.18
C50 ZKM H . -4.69 -0.22 18.38
C51 ZKM H . -4.33 -1.09 17.18
C52 ZKM H . -5.55 -1.71 16.51
C53 ZKM H . -5.20 -3.01 15.78
N19 ZKM H . 9.43 0.56 16.53
O01 ZKM H . 13.98 3.80 19.96
O04 ZKM H . 16.17 2.06 20.59
O06 ZKM H . 18.10 3.24 21.85
O07 ZKM H . 18.08 3.33 19.36
O08 ZKM H . 18.65 1.31 20.36
O10 ZKM H . 15.19 -0.26 19.63
O13 ZKM H . 13.61 -1.14 16.43
O14 ZKM H . 13.36 0.97 17.62
O16 ZKM H . 11.85 2.35 18.64
O36 ZKM H . 8.21 0.75 14.61
O38 ZKM H . 9.56 1.33 20.10
S05 ZKM H . 17.74 2.50 20.58
C1 NAG I . -7.44 -11.78 25.33
C2 NAG I . -8.22 -12.87 26.06
C3 NAG I . -7.64 -13.12 27.45
C4 NAG I . -7.15 -11.81 28.09
C5 NAG I . -6.13 -11.11 27.19
C6 NAG I . -4.72 -11.22 27.71
C7 NAG I . -10.60 -13.31 25.63
C8 NAG I . -10.14 -14.57 24.95
N2 NAG I . -9.63 -12.54 26.14
O3 NAG I . -6.57 -14.03 27.36
O4 NAG I . -8.25 -10.95 28.33
O5 NAG I . -6.14 -11.69 25.88
O6 NAG I . -4.02 -9.99 27.59
O7 NAG I . -11.78 -13.02 25.70
C1 NAG J . -13.06 15.24 22.05
C2 NAG J . -14.08 15.77 21.02
C3 NAG J . -14.42 17.23 21.29
C4 NAG J . -14.80 17.45 22.74
C5 NAG J . -13.71 16.90 23.64
C6 NAG J . -14.02 17.05 25.13
C7 NAG J . -14.02 14.69 18.80
C8 NAG J . -15.07 13.77 19.31
N2 NAG J . -13.57 15.61 19.66
O3 NAG J . -15.49 17.63 20.44
O4 NAG J . -14.97 18.84 23.00
O5 NAG J . -13.55 15.50 23.38
O6 NAG J . -15.07 16.19 25.55
O7 NAG J . -13.56 14.59 17.66
C02 ZKM K . 15.69 6.42 16.28
C03 ZKM K . 16.82 6.78 15.39
C09 ZKM K . 16.33 7.48 14.20
C11 ZKM K . 15.44 8.68 14.51
C12 ZKM K . 14.29 8.70 13.56
C15 ZKM K . 14.98 7.65 16.86
C17 ZKM K . 13.57 6.77 18.55
C18 ZKM K . 12.36 7.42 19.21
C20 ZKM K . 11.94 9.82 19.75
C21 ZKM K . 10.66 9.73 18.89
C22 ZKM K . 9.33 10.07 19.61
C23 ZKM K . 9.12 9.38 20.96
C24 ZKM K . 7.70 8.77 21.13
C25 ZKM K . 6.95 9.28 22.39
C26 ZKM K . 5.44 8.92 22.34
C27 ZKM K . 4.67 9.16 23.65
C28 ZKM K . 3.30 8.46 23.64
C29 ZKM K . 2.36 8.92 24.75
C30 ZKM K . 1.22 7.91 25.01
C31 ZKM K . -0.08 8.59 25.45
C32 ZKM K . -1.33 7.84 24.96
C33 ZKM K . -1.44 7.89 23.45
C34 ZKM K . -2.85 8.30 22.98
C35 ZKM K . -3.05 8.05 21.49
C37 ZKM K . 11.70 6.58 20.30
C39 ZKM K . 10.72 5.56 19.68
C40 ZKM K . 9.55 6.01 19.21
C41 ZKM K . 8.54 5.03 18.58
C42 ZKM K . 7.13 5.28 19.17
C43 ZKM K . 6.97 4.63 20.56
C44 ZKM K . 5.52 4.13 20.81
C45 ZKM K . 4.72 5.11 21.69
C46 ZKM K . 3.55 4.43 22.44
C47 ZKM K . 2.32 4.29 21.55
C48 ZKM K . 1.03 4.71 22.27
C49 ZKM K . 0.20 3.51 22.77
C50 ZKM K . -0.68 3.95 23.96
C51 ZKM K . -1.99 3.18 24.08
C52 ZKM K . -2.88 3.80 25.14
C53 ZKM K . -3.26 2.82 26.23
N19 ZKM K . 12.80 8.64 19.87
O01 ZKM K . 16.22 5.64 17.37
O04 ZKM K . 17.51 5.56 14.99
O06 ZKM K . 19.64 6.87 15.68
O07 ZKM K . 19.73 5.45 13.64
O08 ZKM K . 19.72 4.37 15.70
O10 ZKM K . 15.59 6.52 13.39
O13 ZKM K . 13.35 7.77 13.98
O14 ZKM K . 14.90 8.80 15.92
O16 ZKM K . 13.71 7.32 17.26
O36 ZKM K . 12.27 10.81 20.28
O38 ZKM K . 12.67 5.94 21.09
S05 ZKM K . 19.16 5.59 15.02
#